data_4DU7
#
_entry.id   4DU7
#
_cell.length_a   82.592
_cell.length_b   101.320
_cell.length_c   154.932
_cell.angle_alpha   90.000
_cell.angle_beta   90.000
_cell.angle_gamma   90.000
#
_symmetry.space_group_name_H-M   'C 2 2 21'
#
loop_
_entity.id
_entity.type
_entity.pdbx_description
1 polymer 'Mevalonate diphosphate decarboxylase'
2 non-polymer '(3R)-3-HYDROXY-5-{[(R)-HYDROXY(PHOSPHONOOXY)PHOSPHORYL]OXY}-3-METHYLPENTANOIC ACID'
3 non-polymer 'FORMIC ACID'
4 water water
#
_entity_poly.entity_id   1
_entity_poly.type   'polypeptide(L)'
_entity_poly.pdbx_seq_one_letter_code
;GSTGSMVKSGKARAHTNIALIKYWGKADETYIIPMNNSLSVTLDRFYTETKVTFDPDFTEDCLILNGNEVNAKEKEKIQN
YMNIVRDLAGNRLHARIESENYVPTAAGLASSASAYAALAAACNEALSLNLSDTDLSRLARRGSGSASRSIFGGFAEWEK
GHDDLTSYAHGINSNGWEKDLSMIFVVINNQSKKVSSRSGMSLTRDTSRFYQYWLDHVDEDLNEAKEAVKNQDFQRLGEV
IEANGLRMHATNLGAQPPFTYLVQESYDAMAIVEQCRKANLPCYFTMDAGPNVKVLVEKKNKQAVMEQFLKVFDESKIIA
SDIISSGVEIIK
;
_entity_poly.pdbx_strand_id   A,B
#
loop_
_chem_comp.id
_chem_comp.type
_chem_comp.name
_chem_comp.formula
DP6 non-polymer '(3R)-3-HYDROXY-5-{[(R)-HYDROXY(PHOSPHONOOXY)PHOSPHORYL]OXY}-3-METHYLPENTANOIC ACID' 'C6 H14 O10 P2'
FMT non-polymer 'FORMIC ACID' 'C H2 O2'
#
# COMPACT_ATOMS: atom_id res chain seq x y z
N GLY A 4 -8.36 23.95 22.71
CA GLY A 4 -7.10 24.27 23.36
C GLY A 4 -6.71 25.74 23.22
N SER A 5 -6.76 26.46 24.35
CA SER A 5 -6.62 27.93 24.35
C SER A 5 -5.42 28.51 23.58
N MET A 6 -4.20 28.04 23.86
CA MET A 6 -2.98 28.60 23.26
C MET A 6 -2.61 27.91 21.95
N VAL A 7 -3.53 27.10 21.43
CA VAL A 7 -3.19 26.18 20.36
C VAL A 7 -3.97 26.41 19.07
N LYS A 8 -3.21 26.44 17.97
CA LYS A 8 -3.78 26.68 16.65
C LYS A 8 -3.61 25.43 15.77
N SER A 9 -4.71 24.82 15.34
CA SER A 9 -4.54 23.66 14.47
C SER A 9 -5.30 23.84 13.17
N GLY A 10 -4.91 23.07 12.17
CA GLY A 10 -5.61 23.09 10.91
C GLY A 10 -5.37 21.76 10.20
N LYS A 11 -6.40 21.23 9.58
CA LYS A 11 -6.25 19.98 8.84
C LYS A 11 -6.74 20.15 7.42
N ALA A 12 -5.94 19.63 6.49
CA ALA A 12 -6.25 19.72 5.06
C ALA A 12 -6.17 18.37 4.34
N ARG A 13 -6.95 18.23 3.28
CA ARG A 13 -6.87 17.08 2.39
C ARG A 13 -6.50 17.59 1.00
N ALA A 14 -5.38 17.11 0.47
CA ALA A 14 -4.97 17.48 -0.89
C ALA A 14 -4.78 16.20 -1.72
N HIS A 15 -5.11 16.28 -3.01
CA HIS A 15 -5.14 15.10 -3.86
C HIS A 15 -3.90 15.04 -4.73
N THR A 16 -3.50 13.83 -5.10
CA THR A 16 -2.29 13.68 -5.91
C THR A 16 -2.62 14.16 -7.31
N ASN A 17 -1.58 14.45 -8.08
CA ASN A 17 -1.77 14.80 -9.49
C ASN A 17 -0.71 14.13 -10.34
N ILE A 18 -1.09 13.72 -11.55
CA ILE A 18 -0.12 13.18 -12.50
C ILE A 18 0.17 14.19 -13.61
N ALA A 19 1.45 14.39 -13.91
CA ALA A 19 1.85 15.28 -14.98
C ALA A 19 1.58 14.64 -16.35
N LEU A 20 0.84 15.35 -17.20
CA LEU A 20 0.66 14.95 -18.59
C LEU A 20 1.75 15.56 -19.45
N ILE A 21 2.13 16.80 -19.12
CA ILE A 21 3.35 17.38 -19.63
C ILE A 21 4.34 17.50 -18.46
N LYS A 22 5.49 16.85 -18.59
CA LYS A 22 6.41 16.64 -17.47
C LYS A 22 7.18 17.86 -16.96
N TYR A 23 7.23 17.99 -15.63
CA TYR A 23 8.27 18.74 -14.95
C TYR A 23 9.49 17.82 -14.83
N TRP A 24 10.65 18.27 -15.29
CA TRP A 24 11.82 17.39 -15.27
C TRP A 24 13.10 18.19 -15.43
N GLY A 25 13.71 18.51 -14.30
CA GLY A 25 14.89 19.37 -14.27
C GLY A 25 14.57 20.74 -13.67
N LYS A 26 15.43 21.18 -12.74
CA LYS A 26 15.27 22.49 -12.11
C LYS A 26 16.22 23.55 -12.68
N ALA A 27 15.70 24.75 -12.89
CA ALA A 27 16.58 25.89 -13.04
C ALA A 27 17.23 26.30 -11.69
N ASP A 28 16.50 26.14 -10.59
CA ASP A 28 16.99 26.56 -9.27
C ASP A 28 16.73 25.47 -8.23
N GLU A 29 17.81 24.90 -7.71
CA GLU A 29 17.68 23.74 -6.84
C GLU A 29 17.16 24.12 -5.47
N THR A 30 17.55 25.31 -4.99
CA THR A 30 17.16 25.73 -3.64
C THR A 30 15.68 26.04 -3.54
N TYR A 31 15.19 26.88 -4.43
CA TYR A 31 13.79 27.34 -4.39
C TYR A 31 12.84 26.52 -5.24
N ILE A 32 13.36 25.50 -5.90
CA ILE A 32 12.56 24.63 -6.77
C ILE A 32 11.84 25.40 -7.87
N ILE A 33 12.62 26.05 -8.72
CA ILE A 33 12.12 26.67 -9.94
C ILE A 33 12.44 25.70 -11.08
N PRO A 34 11.43 25.31 -11.89
CA PRO A 34 11.63 24.27 -12.92
C PRO A 34 12.21 24.85 -14.21
N MET A 35 12.72 23.99 -15.10
CA MET A 35 13.28 24.46 -16.38
C MET A 35 12.17 24.69 -17.41
N ASN A 36 10.97 24.15 -17.13
CA ASN A 36 9.84 24.31 -18.02
C ASN A 36 8.51 24.21 -17.28
N ASN A 37 7.46 24.74 -17.88
CA ASN A 37 6.10 24.57 -17.39
C ASN A 37 5.69 23.11 -17.50
N SER A 38 4.69 22.72 -16.70
CA SER A 38 4.14 21.37 -16.75
C SER A 38 2.62 21.44 -16.66
N LEU A 39 1.95 20.41 -17.14
CA LEU A 39 0.50 20.36 -17.07
C LEU A 39 0.07 19.06 -16.43
N SER A 40 -0.91 19.11 -15.54
CA SER A 40 -1.31 17.91 -14.81
C SER A 40 -2.81 17.75 -14.61
N VAL A 41 -3.23 16.57 -14.20
CA VAL A 41 -4.62 16.32 -13.81
C VAL A 41 -4.66 15.76 -12.40
N THR A 42 -5.59 16.25 -11.59
CA THR A 42 -5.65 15.87 -10.17
C THR A 42 -6.59 14.70 -9.91
N LEU A 43 -6.08 13.66 -9.26
CA LEU A 43 -6.81 12.41 -9.12
C LEU A 43 -7.76 12.39 -7.93
N ASP A 44 -8.95 11.87 -8.17
CA ASP A 44 -9.98 11.80 -7.14
C ASP A 44 -9.68 10.76 -6.04
N ARG A 45 -9.09 9.63 -6.41
CA ARG A 45 -8.97 8.49 -5.50
C ARG A 45 -7.82 8.56 -4.49
N PHE A 46 -6.78 9.32 -4.79
CA PHE A 46 -5.55 9.31 -3.99
C PHE A 46 -5.27 10.68 -3.40
N TYR A 47 -4.93 10.73 -2.12
CA TYR A 47 -4.79 11.98 -1.40
C TYR A 47 -4.09 11.81 -0.06
N THR A 48 -3.62 12.92 0.46
CA THR A 48 -3.02 12.98 1.78
C THR A 48 -3.85 13.87 2.69
N GLU A 49 -4.11 13.40 3.91
CA GLU A 49 -4.69 14.25 4.95
C GLU A 49 -3.62 14.67 5.96
N THR A 50 -3.47 15.97 6.16
CA THR A 50 -2.43 16.45 7.06
C THR A 50 -3.00 17.42 8.06
N LYS A 51 -2.74 17.15 9.33
CA LYS A 51 -3.14 18.03 10.41
C LYS A 51 -1.91 18.60 11.08
N VAL A 52 -1.93 19.91 11.32
CA VAL A 52 -0.84 20.58 12.04
C VAL A 52 -1.41 21.24 13.31
N THR A 53 -0.65 21.15 14.39
CA THR A 53 -1.05 21.70 15.67
C THR A 53 0.12 22.47 16.23
N PHE A 54 -0.02 23.79 16.26
CA PHE A 54 1.03 24.68 16.74
C PHE A 54 0.86 24.96 18.22
N ASP A 55 1.93 24.71 18.99
CA ASP A 55 1.96 24.98 20.42
C ASP A 55 3.24 25.72 20.84
N PRO A 56 3.07 26.87 21.51
CA PRO A 56 4.16 27.67 22.08
C PRO A 56 5.10 26.82 22.94
N ASP A 57 4.55 25.78 23.56
CA ASP A 57 5.33 24.92 24.43
C ASP A 57 5.97 23.74 23.69
N PHE A 58 5.71 23.64 22.39
CA PHE A 58 6.43 22.67 21.56
C PHE A 58 7.85 23.18 21.34
N THR A 59 8.82 22.28 21.45
CA THR A 59 10.22 22.66 21.43
C THR A 59 10.81 22.58 20.02
N GLU A 60 10.22 21.72 19.22
CA GLU A 60 10.65 21.49 17.85
C GLU A 60 9.46 20.90 17.11
N ASP A 61 9.58 20.77 15.80
CA ASP A 61 8.49 20.16 15.04
C ASP A 61 8.56 18.64 15.10
N CYS A 62 7.40 18.02 15.18
CA CYS A 62 7.28 16.59 15.24
C CYS A 62 6.44 16.13 14.04
N LEU A 63 6.86 15.08 13.36
CA LEU A 63 6.06 14.53 12.26
C LEU A 63 5.69 13.08 12.51
N ILE A 64 4.37 12.81 12.48
CA ILE A 64 3.86 11.46 12.62
C ILE A 64 3.10 11.10 11.38
N LEU A 65 3.55 10.04 10.73
CA LEU A 65 3.10 9.71 9.39
C LEU A 65 2.47 8.33 9.44
N ASN A 66 1.22 8.23 8.97
CA ASN A 66 0.53 6.95 8.99
C ASN A 66 0.59 6.29 10.37
N GLY A 67 0.59 7.10 11.42
CA GLY A 67 0.51 6.59 12.77
C GLY A 67 1.86 6.40 13.42
N ASN A 68 2.92 6.71 12.68
CA ASN A 68 4.28 6.38 13.11
C ASN A 68 5.29 7.52 13.06
N GLU A 69 6.07 7.65 14.13
CA GLU A 69 7.25 8.51 14.18
C GLU A 69 8.09 8.36 12.90
N VAL A 70 8.58 9.45 12.35
CA VAL A 70 9.56 9.32 11.28
C VAL A 70 10.99 9.33 11.84
N ASN A 71 11.94 8.83 11.05
CA ASN A 71 13.34 8.84 11.44
C ASN A 71 13.90 10.26 11.59
N ALA A 72 15.09 10.37 12.17
CA ALA A 72 15.70 11.69 12.41
C ALA A 72 15.96 12.46 11.12
N LYS A 73 16.17 11.73 10.02
CA LYS A 73 16.41 12.35 8.73
C LYS A 73 15.17 13.08 8.22
N GLU A 74 14.02 12.41 8.29
CA GLU A 74 12.76 12.99 7.84
C GLU A 74 12.34 14.10 8.80
N LYS A 75 12.66 13.89 10.07
CA LYS A 75 12.43 14.89 11.10
C LYS A 75 13.17 16.20 10.77
N GLU A 76 14.47 16.09 10.54
CA GLU A 76 15.29 17.26 10.18
C GLU A 76 14.75 17.94 8.89
N LYS A 77 14.44 17.13 7.89
CA LYS A 77 13.88 17.64 6.64
C LYS A 77 12.60 18.46 6.85
N ILE A 78 11.70 17.94 7.67
CA ILE A 78 10.42 18.59 7.87
C ILE A 78 10.60 19.85 8.73
N GLN A 79 11.56 19.82 9.65
CA GLN A 79 11.86 21.03 10.43
C GLN A 79 12.36 22.20 9.57
N ASN A 80 13.22 21.92 8.59
CA ASN A 80 13.67 22.97 7.67
C ASN A 80 12.52 23.57 6.87
N TYR A 81 11.63 22.69 6.38
CA TYR A 81 10.47 23.16 5.65
C TYR A 81 9.57 24.04 6.52
N MET A 82 9.36 23.63 7.76
CA MET A 82 8.51 24.40 8.67
C MET A 82 9.12 25.74 9.04
N ASN A 83 10.44 25.86 8.89
CA ASN A 83 11.10 27.16 9.07
C ASN A 83 10.61 28.16 8.06
N ILE A 84 10.37 27.68 6.86
CA ILE A 84 9.79 28.50 5.81
C ILE A 84 8.40 28.97 6.24
N VAL A 85 7.62 28.07 6.81
CA VAL A 85 6.29 28.43 7.30
C VAL A 85 6.34 29.52 8.39
N ARG A 86 7.15 29.27 9.42
CA ARG A 86 7.34 30.21 10.52
C ARG A 86 7.82 31.56 10.01
N ASP A 87 8.78 31.55 9.10
CA ASP A 87 9.23 32.80 8.46
C ASP A 87 8.06 33.52 7.78
N LEU A 88 7.29 32.78 7.00
CA LEU A 88 6.12 33.35 6.32
C LEU A 88 5.07 33.93 7.28
N ALA A 89 4.86 33.28 8.42
CA ALA A 89 3.83 33.75 9.36
C ALA A 89 4.36 34.76 10.37
N GLY A 90 5.69 34.92 10.42
CA GLY A 90 6.32 35.80 11.40
C GLY A 90 6.15 35.33 12.84
N ASN A 91 6.20 34.02 13.05
CA ASN A 91 6.18 33.48 14.40
C ASN A 91 7.33 32.52 14.58
N ARG A 92 7.38 31.86 15.72
CA ARG A 92 8.42 30.87 15.99
C ARG A 92 7.81 29.60 16.59
N LEU A 93 6.51 29.45 16.36
CA LEU A 93 5.75 28.28 16.80
C LEU A 93 6.17 26.99 16.08
N HIS A 94 6.40 25.94 16.87
CA HIS A 94 6.68 24.62 16.31
C HIS A 94 5.39 23.83 16.28
N ALA A 95 5.36 22.79 15.45
CA ALA A 95 4.12 22.06 15.23
C ALA A 95 4.25 20.56 15.39
N ARG A 96 3.15 19.94 15.80
CA ARG A 96 2.99 18.51 15.69
C ARG A 96 2.20 18.26 14.42
N ILE A 97 2.82 17.50 13.51
CA ILE A 97 2.25 17.24 12.20
C ILE A 97 1.85 15.77 12.15
N GLU A 98 0.57 15.51 11.94
CA GLU A 98 0.09 14.16 11.85
C GLU A 98 -0.51 14.01 10.45
N SER A 99 0.12 13.17 9.64
CA SER A 99 -0.31 12.99 8.26
C SER A 99 -0.62 11.52 7.93
N GLU A 100 -1.65 11.31 7.13
CA GLU A 100 -1.99 10.01 6.57
C GLU A 100 -1.92 10.11 5.06
N ASN A 101 -1.20 9.18 4.44
CA ASN A 101 -1.18 9.07 2.99
C ASN A 101 -2.17 8.02 2.53
N TYR A 102 -3.28 8.47 1.95
CA TYR A 102 -4.16 7.56 1.23
C TYR A 102 -3.73 7.52 -0.25
N VAL A 103 -2.48 7.11 -0.44
CA VAL A 103 -1.87 6.88 -1.75
C VAL A 103 -1.13 5.54 -1.69
N PRO A 104 -1.26 4.69 -2.72
CA PRO A 104 -0.55 3.40 -2.77
C PRO A 104 0.96 3.54 -2.91
N THR A 105 1.59 4.06 -1.85
CA THR A 105 3.03 4.36 -1.87
C THR A 105 3.89 3.10 -1.96
N ALA A 106 3.48 2.04 -1.26
CA ALA A 106 4.14 0.74 -1.40
C ALA A 106 4.12 0.29 -2.87
N ALA A 107 3.01 0.54 -3.55
CA ALA A 107 2.83 0.18 -4.96
C ALA A 107 3.54 1.13 -5.92
N GLY A 108 4.31 2.07 -5.39
CA GLY A 108 5.09 2.98 -6.21
C GLY A 108 4.49 4.33 -6.56
N LEU A 109 3.25 4.58 -6.16
CA LEU A 109 2.62 5.88 -6.45
C LEU A 109 3.27 6.97 -5.59
N ALA A 110 3.43 8.16 -6.16
CA ALA A 110 4.15 9.23 -5.45
C ALA A 110 3.25 9.94 -4.44
N SER A 111 3.82 10.42 -3.35
CA SER A 111 3.04 11.11 -2.32
C SER A 111 3.49 12.55 -2.09
N SER A 112 4.59 12.96 -2.71
CA SER A 112 5.13 14.31 -2.49
C SER A 112 4.15 15.43 -2.87
N ALA A 113 3.50 15.31 -4.03
CA ALA A 113 2.55 16.33 -4.47
C ALA A 113 1.45 16.56 -3.43
N SER A 114 0.74 15.51 -3.08
CA SER A 114 -0.35 15.60 -2.10
C SER A 114 0.16 15.93 -0.69
N ALA A 115 1.35 15.45 -0.36
CA ALA A 115 1.89 15.64 0.98
C ALA A 115 2.13 17.11 1.26
N TYR A 116 2.90 17.75 0.39
CA TYR A 116 3.23 19.14 0.60
C TYR A 116 2.07 20.09 0.35
N ALA A 117 1.20 19.75 -0.59
CA ALA A 117 0.04 20.60 -0.83
C ALA A 117 -0.88 20.57 0.39
N ALA A 118 -1.02 19.40 1.01
CA ALA A 118 -1.87 19.27 2.20
C ALA A 118 -1.25 20.02 3.37
N LEU A 119 0.05 19.85 3.57
CA LEU A 119 0.78 20.58 4.60
C LEU A 119 0.65 22.12 4.48
N ALA A 120 0.85 22.65 3.27
CA ALA A 120 0.79 24.08 3.05
C ALA A 120 -0.58 24.61 3.45
N ALA A 121 -1.62 23.98 2.91
CA ALA A 121 -3.00 24.36 3.21
C ALA A 121 -3.30 24.26 4.70
N ALA A 122 -2.87 23.15 5.31
CA ALA A 122 -3.06 22.91 6.73
C ALA A 122 -2.48 24.05 7.56
N CYS A 123 -1.28 24.48 7.20
CA CYS A 123 -0.61 25.57 7.90
C CYS A 123 -1.33 26.90 7.70
N ASN A 124 -1.83 27.12 6.48
CA ASN A 124 -2.52 28.36 6.18
C ASN A 124 -3.82 28.46 6.98
N GLU A 125 -4.44 27.31 7.21
CA GLU A 125 -5.67 27.24 7.98
C GLU A 125 -5.37 27.41 9.46
N ALA A 126 -4.37 26.68 9.96
CA ALA A 126 -4.00 26.76 11.38
C ALA A 126 -3.60 28.18 11.79
N LEU A 127 -2.76 28.82 10.99
CA LEU A 127 -2.20 30.11 11.37
C LEU A 127 -3.02 31.30 10.86
N SER A 128 -4.06 31.01 10.07
CA SER A 128 -4.92 32.06 9.51
C SER A 128 -4.13 33.03 8.62
N LEU A 129 -3.27 32.51 7.75
CA LEU A 129 -2.43 33.38 6.93
C LEU A 129 -3.18 34.01 5.76
N ASN A 130 -4.37 33.50 5.46
CA ASN A 130 -5.17 33.97 4.34
C ASN A 130 -4.46 34.01 3.00
N LEU A 131 -3.60 33.03 2.75
CA LEU A 131 -2.89 32.94 1.47
C LEU A 131 -3.81 32.71 0.29
N SER A 132 -3.55 33.45 -0.78
CA SER A 132 -4.17 33.17 -2.06
C SER A 132 -3.78 31.79 -2.53
N ASP A 133 -4.60 31.22 -3.40
CA ASP A 133 -4.23 29.97 -4.06
C ASP A 133 -2.81 30.08 -4.62
N THR A 134 -2.51 31.20 -5.27
CA THR A 134 -1.15 31.44 -5.77
C THR A 134 -0.07 31.31 -4.71
N ASP A 135 -0.30 31.90 -3.55
CA ASP A 135 0.72 31.85 -2.51
C ASP A 135 0.77 30.46 -1.86
N LEU A 136 -0.36 29.76 -1.91
CA LEU A 136 -0.49 28.41 -1.38
C LEU A 136 0.34 27.46 -2.27
N SER A 137 0.16 27.64 -3.58
CA SER A 137 0.92 26.88 -4.57
C SER A 137 2.42 27.15 -4.44
N ARG A 138 2.79 28.42 -4.26
CA ARG A 138 4.19 28.80 -4.05
C ARG A 138 4.80 28.15 -2.80
N LEU A 139 4.07 28.17 -1.67
CA LEU A 139 4.52 27.51 -0.44
C LEU A 139 4.68 25.99 -0.62
N ALA A 140 3.71 25.35 -1.26
CA ALA A 140 3.81 23.90 -1.51
C ALA A 140 4.98 23.57 -2.44
N ARG A 141 5.22 24.44 -3.44
CA ARG A 141 6.33 24.25 -4.37
C ARG A 141 7.68 24.17 -3.65
N ARG A 142 7.82 24.91 -2.55
CA ARG A 142 9.10 24.93 -1.84
C ARG A 142 9.41 23.56 -1.27
N GLY A 143 8.37 22.75 -1.08
CA GLY A 143 8.57 21.44 -0.51
C GLY A 143 8.80 20.41 -1.60
N SER A 144 7.95 20.49 -2.62
CA SER A 144 8.09 19.60 -3.77
C SER A 144 7.43 20.23 -4.98
N GLY A 145 8.17 20.30 -6.08
CA GLY A 145 7.71 20.95 -7.30
C GLY A 145 6.31 20.55 -7.72
N SER A 146 6.05 19.25 -7.80
CA SER A 146 4.73 18.79 -8.23
C SER A 146 3.62 19.09 -7.20
N ALA A 147 4.02 19.44 -5.98
CA ALA A 147 3.04 19.79 -4.95
C ALA A 147 2.33 21.10 -5.31
N SER A 148 3.02 21.95 -6.06
CA SER A 148 2.46 23.24 -6.46
C SER A 148 1.14 23.07 -7.21
N ARG A 149 0.97 21.93 -7.86
CA ARG A 149 -0.21 21.72 -8.72
C ARG A 149 -1.38 21.09 -7.99
N SER A 150 -1.10 20.42 -6.87
CA SER A 150 -2.12 19.73 -6.10
C SER A 150 -3.05 20.66 -5.31
N ILE A 151 -2.69 21.95 -5.25
CA ILE A 151 -3.61 22.96 -4.70
C ILE A 151 -4.90 22.98 -5.51
N PHE A 152 -4.81 22.57 -6.78
CA PHE A 152 -5.95 22.70 -7.71
C PHE A 152 -6.56 21.38 -8.14
N GLY A 153 -7.79 21.44 -8.62
CA GLY A 153 -8.48 20.28 -9.17
C GLY A 153 -8.34 20.24 -10.68
N GLY A 154 -9.01 19.27 -11.32
CA GLY A 154 -8.99 19.14 -12.77
C GLY A 154 -7.62 19.29 -13.42
N PHE A 155 -7.60 20.03 -14.53
CA PHE A 155 -6.36 20.37 -15.20
C PHE A 155 -5.73 21.54 -14.47
N ALA A 156 -4.40 21.49 -14.34
CA ALA A 156 -3.64 22.59 -13.77
C ALA A 156 -2.31 22.73 -14.50
N GLU A 157 -1.77 23.94 -14.50
CA GLU A 157 -0.47 24.19 -15.11
C GLU A 157 0.45 24.90 -14.13
N TRP A 158 1.68 24.41 -14.04
CA TRP A 158 2.67 25.08 -13.25
C TRP A 158 3.47 26.02 -14.14
N GLU A 159 3.34 27.33 -13.89
CA GLU A 159 4.08 28.34 -14.64
C GLU A 159 5.45 28.45 -14.02
N LYS A 160 6.47 28.27 -14.84
CA LYS A 160 7.83 28.11 -14.32
C LYS A 160 8.37 29.37 -13.66
N GLY A 161 8.10 30.53 -14.24
CA GLY A 161 8.56 31.79 -13.70
C GLY A 161 10.07 31.91 -13.75
N HIS A 162 10.63 32.83 -12.96
CA HIS A 162 12.07 33.02 -12.94
C HIS A 162 12.57 33.23 -11.51
N ASP A 163 11.65 33.20 -10.55
CA ASP A 163 12.03 33.31 -9.13
C ASP A 163 10.93 32.81 -8.16
N ASP A 164 11.22 32.85 -6.87
CA ASP A 164 10.26 32.35 -5.88
C ASP A 164 8.89 33.00 -5.99
N LEU A 165 8.85 34.30 -6.32
CA LEU A 165 7.57 35.02 -6.45
C LEU A 165 6.73 34.56 -7.65
N THR A 166 7.40 34.28 -8.77
CA THR A 166 6.71 34.10 -10.04
C THR A 166 6.46 32.64 -10.45
N SER A 167 7.08 31.69 -9.74
CA SER A 167 6.94 30.28 -10.10
C SER A 167 5.84 29.59 -9.26
N TYR A 168 4.72 29.27 -9.91
CA TYR A 168 3.58 28.67 -9.22
C TYR A 168 2.54 28.16 -10.21
N ALA A 169 1.55 27.43 -9.71
CA ALA A 169 0.57 26.83 -10.60
C ALA A 169 -0.77 27.54 -10.51
N HIS A 170 -1.68 27.20 -11.41
CA HIS A 170 -3.04 27.71 -11.37
C HIS A 170 -3.94 26.68 -12.01
N GLY A 171 -5.23 26.72 -11.69
CA GLY A 171 -6.17 25.80 -12.29
C GLY A 171 -6.59 26.25 -13.67
N ILE A 172 -6.81 25.29 -14.55
CA ILE A 172 -7.30 25.55 -15.90
C ILE A 172 -8.74 25.11 -15.99
N ASN A 173 -9.62 26.04 -16.34
CA ASN A 173 -11.03 25.70 -16.54
C ASN A 173 -11.13 24.95 -17.85
N SER A 174 -11.78 23.79 -17.84
CA SER A 174 -11.90 23.01 -19.07
C SER A 174 -13.34 22.75 -19.44
N ASN A 175 -14.24 23.58 -18.92
CA ASN A 175 -15.67 23.44 -19.17
C ASN A 175 -16.22 22.09 -18.72
N GLY A 176 -15.72 21.62 -17.58
CA GLY A 176 -16.15 20.37 -17.00
C GLY A 176 -15.52 19.13 -17.64
N TRP A 177 -14.63 19.31 -18.61
CA TRP A 177 -14.07 18.16 -19.32
C TRP A 177 -13.40 17.14 -18.37
N GLU A 178 -12.73 17.62 -17.32
CA GLU A 178 -12.08 16.70 -16.38
C GLU A 178 -13.05 15.65 -15.87
N LYS A 179 -14.34 15.98 -15.86
CA LYS A 179 -15.36 15.09 -15.33
C LYS A 179 -15.60 13.87 -16.24
N ASP A 180 -15.18 13.99 -17.50
CA ASP A 180 -15.36 12.93 -18.50
C ASP A 180 -14.13 12.04 -18.61
N LEU A 181 -13.12 12.29 -17.79
CA LEU A 181 -11.82 11.61 -17.94
C LEU A 181 -11.45 10.77 -16.72
N SER A 182 -10.57 9.79 -16.97
CA SER A 182 -10.11 8.91 -15.92
C SER A 182 -8.69 8.47 -16.18
N MET A 183 -8.11 7.80 -15.19
CA MET A 183 -6.76 7.32 -15.32
C MET A 183 -6.64 5.92 -14.72
N ILE A 184 -6.05 5.01 -15.48
CA ILE A 184 -5.78 3.68 -14.99
C ILE A 184 -4.30 3.58 -14.66
N PHE A 185 -4.02 2.99 -13.51
CA PHE A 185 -2.67 2.81 -13.06
C PHE A 185 -2.31 1.34 -13.18
N VAL A 186 -1.28 1.06 -13.96
CA VAL A 186 -0.75 -0.28 -14.02
C VAL A 186 0.42 -0.39 -13.06
N VAL A 187 0.22 -1.11 -11.96
CA VAL A 187 1.28 -1.29 -10.97
C VAL A 187 2.31 -2.30 -11.47
N ILE A 188 3.57 -1.92 -11.43
CA ILE A 188 4.63 -2.74 -12.02
C ILE A 188 5.80 -2.96 -11.07
N LYS A 193 16.30 -0.24 -4.70
CA LYS A 193 15.81 1.12 -4.59
C LYS A 193 15.85 1.80 -5.96
N LYS A 194 15.04 2.84 -6.11
CA LYS A 194 15.05 3.63 -7.34
C LYS A 194 15.69 4.99 -7.14
N VAL A 195 16.31 5.49 -8.19
CA VAL A 195 16.82 6.86 -8.21
C VAL A 195 15.65 7.80 -7.98
N SER A 196 15.75 8.65 -6.96
CA SER A 196 14.65 9.57 -6.66
C SER A 196 14.39 10.59 -7.78
N SER A 197 13.15 11.04 -7.91
CA SER A 197 12.81 12.05 -8.89
C SER A 197 13.75 13.26 -8.86
N ARG A 198 13.98 13.79 -7.66
CA ARG A 198 14.84 14.96 -7.49
C ARG A 198 16.26 14.71 -7.96
N SER A 199 16.78 13.53 -7.61
CA SER A 199 18.15 13.15 -7.92
C SER A 199 18.29 12.78 -9.40
N GLY A 200 17.35 11.99 -9.92
CA GLY A 200 17.36 11.62 -11.32
C GLY A 200 17.24 12.83 -12.24
N MET A 201 16.28 13.71 -11.96
CA MET A 201 16.06 14.86 -12.84
C MET A 201 17.28 15.78 -12.79
N SER A 202 17.99 15.77 -11.67
CA SER A 202 19.17 16.60 -11.53
C SER A 202 20.33 16.08 -12.38
N LEU A 203 20.54 14.77 -12.36
CA LEU A 203 21.61 14.15 -13.15
C LEU A 203 21.35 14.38 -14.64
N THR A 204 20.10 14.18 -15.04
CA THR A 204 19.69 14.41 -16.42
C THR A 204 19.82 15.87 -16.84
N ARG A 205 19.22 16.76 -16.06
CA ARG A 205 19.29 18.20 -16.37
C ARG A 205 20.74 18.66 -16.44
N ASP A 206 21.60 18.13 -15.57
CA ASP A 206 22.98 18.60 -15.54
C ASP A 206 23.86 18.03 -16.66
N THR A 207 23.57 16.80 -17.10
CA THR A 207 24.54 16.04 -17.91
C THR A 207 23.99 15.40 -19.20
N SER A 208 22.67 15.23 -19.28
CA SER A 208 22.10 14.53 -20.41
C SER A 208 22.43 15.17 -21.75
N ARG A 209 22.86 14.32 -22.68
CA ARG A 209 23.13 14.75 -24.04
C ARG A 209 21.83 15.04 -24.81
N PHE A 210 20.69 14.58 -24.29
CA PHE A 210 19.43 14.73 -25.00
C PHE A 210 18.53 15.76 -24.32
N TYR A 211 19.08 16.50 -23.37
CA TYR A 211 18.25 17.40 -22.57
C TYR A 211 17.83 18.66 -23.36
N GLN A 212 18.74 19.21 -24.15
CA GLN A 212 18.39 20.30 -25.04
C GLN A 212 17.21 19.93 -25.95
N TYR A 213 17.28 18.74 -26.55
CA TYR A 213 16.21 18.20 -27.38
C TYR A 213 14.87 18.24 -26.62
N TRP A 214 14.90 17.87 -25.34
CA TRP A 214 13.70 17.99 -24.51
C TRP A 214 13.24 19.45 -24.40
N LEU A 215 14.17 20.34 -24.14
CA LEU A 215 13.85 21.75 -23.94
C LEU A 215 13.27 22.37 -25.22
N ASP A 216 13.76 21.90 -26.37
CA ASP A 216 13.37 22.48 -27.66
C ASP A 216 11.93 22.12 -28.03
N HIS A 217 11.34 21.14 -27.36
CA HIS A 217 10.02 20.69 -27.77
C HIS A 217 8.95 20.86 -26.72
N VAL A 218 9.35 21.18 -25.49
CA VAL A 218 8.34 21.14 -24.43
C VAL A 218 7.26 22.25 -24.57
N ASP A 219 7.67 23.45 -24.95
CA ASP A 219 6.69 24.55 -25.08
C ASP A 219 5.64 24.26 -26.16
N GLU A 220 6.10 23.76 -27.30
CA GLU A 220 5.21 23.30 -28.36
C GLU A 220 4.23 22.22 -27.87
N ASP A 221 4.74 21.28 -27.08
CA ASP A 221 3.91 20.21 -26.51
C ASP A 221 2.82 20.79 -25.60
N LEU A 222 3.24 21.66 -24.70
CA LEU A 222 2.37 22.31 -23.74
C LEU A 222 1.26 23.11 -24.42
N ASN A 223 1.64 23.90 -25.43
CA ASN A 223 0.66 24.69 -26.17
C ASN A 223 -0.33 23.80 -26.91
N GLU A 224 0.20 22.78 -27.58
CA GLU A 224 -0.62 21.80 -28.29
C GLU A 224 -1.62 21.15 -27.35
N ALA A 225 -1.14 20.75 -26.17
CA ALA A 225 -1.98 20.09 -25.20
C ALA A 225 -3.03 21.06 -24.64
N LYS A 226 -2.63 22.30 -24.43
CA LYS A 226 -3.53 23.30 -23.87
C LYS A 226 -4.65 23.61 -24.87
N GLU A 227 -4.27 23.79 -26.13
CA GLU A 227 -5.25 23.96 -27.21
C GLU A 227 -6.15 22.73 -27.31
N ALA A 228 -5.57 21.55 -27.10
CA ALA A 228 -6.35 20.32 -27.14
C ALA A 228 -7.43 20.34 -26.08
N VAL A 229 -7.08 20.83 -24.89
CA VAL A 229 -7.99 20.83 -23.76
C VAL A 229 -9.13 21.81 -24.01
N LYS A 230 -8.79 23.03 -24.44
CA LYS A 230 -9.79 24.01 -24.86
C LYS A 230 -10.81 23.40 -25.83
N ASN A 231 -10.32 22.55 -26.73
CA ASN A 231 -11.15 21.92 -27.76
C ASN A 231 -11.84 20.66 -27.26
N GLN A 232 -11.49 20.24 -26.05
CA GLN A 232 -11.96 18.95 -25.54
C GLN A 232 -11.67 17.83 -26.55
N ASP A 233 -10.49 17.90 -27.14
CA ASP A 233 -10.04 16.95 -28.17
C ASP A 233 -9.15 15.86 -27.55
N PHE A 234 -9.76 14.75 -27.15
CA PHE A 234 -9.05 13.69 -26.43
C PHE A 234 -7.86 13.09 -27.22
N GLN A 235 -8.08 12.81 -28.49
CA GLN A 235 -7.02 12.24 -29.33
C GLN A 235 -5.84 13.19 -29.43
N ARG A 236 -6.13 14.44 -29.73
CA ARG A 236 -5.11 15.47 -29.83
C ARG A 236 -4.32 15.58 -28.51
N LEU A 237 -5.01 15.47 -27.39
CA LEU A 237 -4.37 15.59 -26.08
C LEU A 237 -3.46 14.41 -25.82
N GLY A 238 -3.99 13.22 -26.09
CA GLY A 238 -3.32 11.98 -25.76
C GLY A 238 -2.06 11.77 -26.55
N GLU A 239 -2.07 12.19 -27.80
CA GLU A 239 -0.95 11.94 -28.68
C GLU A 239 0.23 12.81 -28.28
N VAL A 240 -0.06 14.07 -27.95
CA VAL A 240 1.02 14.95 -27.53
C VAL A 240 1.55 14.56 -26.13
N ILE A 241 0.66 14.26 -25.20
CA ILE A 241 1.15 13.90 -23.87
C ILE A 241 1.93 12.59 -23.85
N GLU A 242 1.47 11.60 -24.61
CA GLU A 242 2.22 10.34 -24.70
C GLU A 242 3.63 10.56 -25.26
N ALA A 243 3.73 11.42 -26.25
CA ALA A 243 5.02 11.69 -26.87
C ALA A 243 5.90 12.49 -25.93
N ASN A 244 5.28 13.41 -25.19
CA ASN A 244 6.02 14.18 -24.21
C ASN A 244 6.63 13.27 -23.16
N GLY A 245 5.80 12.39 -22.62
CA GLY A 245 6.24 11.41 -21.64
C GLY A 245 7.45 10.63 -22.12
N LEU A 246 7.34 10.04 -23.30
CA LEU A 246 8.45 9.25 -23.85
C LEU A 246 9.68 10.09 -24.00
N ARG A 247 9.50 11.37 -24.30
CA ARG A 247 10.65 12.24 -24.51
C ARG A 247 11.38 12.51 -23.19
N MET A 248 10.60 12.68 -22.13
CA MET A 248 11.18 12.83 -20.79
C MET A 248 12.06 11.62 -20.45
N HIS A 249 11.59 10.43 -20.78
CA HIS A 249 12.39 9.24 -20.48
C HIS A 249 13.58 9.11 -21.40
N ALA A 250 13.46 9.68 -22.59
CA ALA A 250 14.58 9.72 -23.52
C ALA A 250 15.77 10.49 -22.93
N THR A 251 15.48 11.61 -22.29
CA THR A 251 16.51 12.44 -21.71
C THR A 251 17.36 11.67 -20.70
N ASN A 252 16.74 10.82 -19.88
CA ASN A 252 17.50 9.99 -18.94
C ASN A 252 18.45 9.02 -19.65
N LEU A 253 18.02 8.51 -20.81
CA LEU A 253 18.89 7.67 -21.62
C LEU A 253 20.16 8.44 -22.03
N GLY A 254 20.09 9.77 -22.05
CA GLY A 254 21.23 10.58 -22.46
C GLY A 254 22.13 11.01 -21.31
N ALA A 255 21.68 10.77 -20.08
CA ALA A 255 22.41 11.16 -18.87
C ALA A 255 23.83 10.59 -18.85
N GLN A 256 24.67 11.16 -17.99
CA GLN A 256 26.05 10.71 -17.86
C GLN A 256 26.32 10.15 -16.45
N PRO A 257 26.22 8.81 -16.29
CA PRO A 257 25.92 7.75 -17.26
C PRO A 257 24.41 7.56 -17.37
N PRO A 258 23.95 6.82 -18.40
CA PRO A 258 22.51 6.68 -18.65
C PRO A 258 21.77 5.90 -17.59
N PHE A 259 20.47 6.13 -17.50
CA PHE A 259 19.63 5.31 -16.64
C PHE A 259 18.22 5.28 -17.22
N THR A 260 17.42 4.33 -16.76
CA THR A 260 16.00 4.30 -17.13
C THR A 260 15.15 3.95 -15.94
N TYR A 261 13.90 4.42 -15.95
CA TYR A 261 12.88 4.07 -14.93
C TYR A 261 11.98 2.92 -15.39
N LEU A 262 12.07 2.57 -16.68
CA LEU A 262 11.15 1.64 -17.32
C LEU A 262 11.72 0.22 -17.28
N VAL A 263 10.84 -0.77 -17.19
CA VAL A 263 11.26 -2.15 -17.32
C VAL A 263 10.39 -2.84 -18.38
N GLN A 264 10.75 -4.08 -18.72
CA GLN A 264 10.04 -4.80 -19.79
C GLN A 264 8.53 -4.71 -19.61
N GLU A 265 8.08 -4.96 -18.39
CA GLU A 265 6.66 -4.97 -18.08
C GLU A 265 5.98 -3.63 -18.43
N SER A 266 6.70 -2.52 -18.27
CA SER A 266 6.16 -1.20 -18.61
C SER A 266 5.88 -1.18 -20.09
N TYR A 267 6.87 -1.64 -20.84
CA TYR A 267 6.74 -1.78 -22.29
C TYR A 267 5.57 -2.69 -22.67
N ASP A 268 5.39 -3.79 -21.93
CA ASP A 268 4.22 -4.62 -22.16
C ASP A 268 2.95 -3.78 -22.01
N ALA A 269 2.87 -3.00 -20.93
CA ALA A 269 1.69 -2.18 -20.67
C ALA A 269 1.42 -1.24 -21.83
N MET A 270 2.47 -0.58 -22.31
CA MET A 270 2.36 0.32 -23.46
C MET A 270 1.78 -0.38 -24.69
N ALA A 271 2.20 -1.62 -24.92
CA ALA A 271 1.72 -2.38 -26.07
C ALA A 271 0.22 -2.61 -26.01
N ILE A 272 -0.29 -2.83 -24.81
CA ILE A 272 -1.70 -3.07 -24.59
C ILE A 272 -2.51 -1.80 -24.81
N VAL A 273 -1.89 -0.65 -24.57
CA VAL A 273 -2.58 0.61 -24.82
C VAL A 273 -2.72 0.82 -26.32
N GLU A 274 -1.62 0.59 -27.04
CA GLU A 274 -1.64 0.76 -28.49
C GLU A 274 -2.61 -0.28 -29.10
N GLN A 275 -2.65 -1.47 -28.53
CA GLN A 275 -3.62 -2.47 -28.96
C GLN A 275 -5.04 -1.97 -28.80
N CYS A 276 -5.31 -1.31 -27.68
CA CYS A 276 -6.64 -0.78 -27.38
C CYS A 276 -7.01 0.33 -28.35
N ARG A 277 -6.01 1.08 -28.80
CA ARG A 277 -6.24 2.17 -29.74
C ARG A 277 -6.67 1.62 -31.10
N LYS A 278 -5.93 0.62 -31.58
CA LYS A 278 -6.25 -0.01 -32.86
C LYS A 278 -7.62 -0.69 -32.83
N ALA A 279 -8.09 -1.03 -31.63
CA ALA A 279 -9.38 -1.64 -31.44
C ALA A 279 -10.43 -0.64 -30.93
N ASN A 280 -10.24 0.62 -31.28
CA ASN A 280 -11.23 1.67 -31.02
C ASN A 280 -11.64 1.86 -29.55
N LEU A 281 -10.66 1.64 -28.67
CA LEU A 281 -10.73 2.09 -27.28
C LEU A 281 -9.61 3.12 -27.11
N PRO A 282 -9.90 4.39 -27.39
CA PRO A 282 -8.85 5.42 -27.32
C PRO A 282 -8.27 5.56 -25.90
N CYS A 283 -6.94 5.58 -25.79
CA CYS A 283 -6.28 5.83 -24.52
C CYS A 283 -4.79 6.11 -24.76
N TYR A 284 -4.13 6.73 -23.78
CA TYR A 284 -2.74 7.12 -23.93
C TYR A 284 -2.02 6.93 -22.62
N PHE A 285 -0.72 6.67 -22.67
CA PHE A 285 -0.01 6.32 -21.46
C PHE A 285 1.06 7.34 -21.08
N THR A 286 1.42 7.32 -19.81
CA THR A 286 2.53 8.14 -19.35
C THR A 286 3.19 7.47 -18.16
N MET A 287 4.44 7.81 -17.92
CA MET A 287 5.19 7.22 -16.81
C MET A 287 5.97 8.32 -16.11
N ASP A 288 6.18 8.15 -14.81
CA ASP A 288 6.97 9.11 -14.07
C ASP A 288 8.30 8.53 -13.60
N ALA A 289 8.67 8.75 -12.35
CA ALA A 289 9.98 8.33 -11.85
C ALA A 289 9.93 6.90 -11.36
N GLY A 290 9.49 6.00 -12.23
CA GLY A 290 9.33 4.61 -11.87
C GLY A 290 8.72 3.85 -13.04
N PRO A 291 8.58 2.53 -12.90
CA PRO A 291 8.09 1.68 -13.99
C PRO A 291 6.56 1.65 -14.12
N ASN A 292 5.82 2.27 -13.21
CA ASN A 292 4.35 2.20 -13.28
C ASN A 292 3.84 2.91 -14.52
N VAL A 293 2.81 2.34 -15.16
CA VAL A 293 2.27 2.97 -16.35
C VAL A 293 0.87 3.50 -16.08
N LYS A 294 0.68 4.79 -16.33
CA LYS A 294 -0.60 5.44 -16.13
C LYS A 294 -1.31 5.64 -17.47
N VAL A 295 -2.54 5.17 -17.56
CA VAL A 295 -3.27 5.18 -18.81
C VAL A 295 -4.42 6.17 -18.77
N LEU A 296 -4.26 7.29 -19.46
CA LEU A 296 -5.33 8.28 -19.56
C LEU A 296 -6.41 7.73 -20.48
N VAL A 297 -7.65 7.67 -20.00
CA VAL A 297 -8.73 7.21 -20.83
C VAL A 297 -10.01 8.01 -20.52
N GLU A 298 -10.92 8.09 -21.49
CA GLU A 298 -12.22 8.67 -21.22
C GLU A 298 -13.04 7.73 -20.34
N LYS A 299 -13.80 8.30 -19.41
CA LYS A 299 -14.51 7.51 -18.42
C LYS A 299 -15.36 6.43 -19.06
N LYS A 300 -16.04 6.80 -20.15
CA LYS A 300 -16.92 5.87 -20.87
C LYS A 300 -16.20 4.61 -21.38
N ASN A 301 -14.87 4.61 -21.34
CA ASN A 301 -14.07 3.47 -21.83
C ASN A 301 -13.17 2.85 -20.76
N LYS A 302 -13.21 3.44 -19.57
CA LYS A 302 -12.40 2.97 -18.47
C LYS A 302 -12.52 1.45 -18.33
N GLN A 303 -13.76 0.97 -18.27
CA GLN A 303 -14.01 -0.45 -18.01
C GLN A 303 -13.48 -1.35 -19.12
N ALA A 304 -13.83 -1.04 -20.36
CA ALA A 304 -13.39 -1.82 -21.51
C ALA A 304 -11.87 -1.94 -21.53
N VAL A 305 -11.20 -0.80 -21.41
CA VAL A 305 -9.74 -0.75 -21.38
C VAL A 305 -9.16 -1.51 -20.19
N MET A 306 -9.78 -1.35 -19.02
CA MET A 306 -9.33 -2.09 -17.83
C MET A 306 -9.32 -3.60 -18.04
N GLU A 307 -10.35 -4.12 -18.69
CA GLU A 307 -10.46 -5.55 -18.88
C GLU A 307 -9.42 -6.10 -19.87
N GLN A 308 -9.00 -5.26 -20.81
CA GLN A 308 -7.88 -5.61 -21.67
C GLN A 308 -6.63 -5.83 -20.84
N PHE A 309 -6.43 -4.99 -19.83
CA PHE A 309 -5.25 -5.12 -18.97
C PHE A 309 -5.37 -6.32 -18.06
N LEU A 310 -6.59 -6.58 -17.60
CA LEU A 310 -6.85 -7.69 -16.69
C LEU A 310 -6.63 -9.06 -17.35
N LYS A 311 -6.39 -9.06 -18.66
CA LYS A 311 -6.03 -10.27 -19.39
C LYS A 311 -4.58 -10.66 -19.11
N VAL A 312 -3.77 -9.71 -18.65
CA VAL A 312 -2.34 -9.93 -18.52
C VAL A 312 -1.83 -9.70 -17.09
N PHE A 313 -2.38 -8.68 -16.43
CA PHE A 313 -1.94 -8.28 -15.11
C PHE A 313 -2.95 -8.71 -14.05
N ASP A 314 -2.44 -8.96 -12.84
CA ASP A 314 -3.28 -9.26 -11.68
C ASP A 314 -4.29 -8.17 -11.42
N GLU A 315 -5.47 -8.57 -10.94
CA GLU A 315 -6.53 -7.63 -10.64
C GLU A 315 -6.05 -6.63 -9.60
N SER A 316 -5.21 -7.07 -8.68
CA SER A 316 -4.76 -6.20 -7.61
C SER A 316 -3.84 -5.09 -8.14
N LYS A 317 -3.37 -5.23 -9.37
CA LYS A 317 -2.40 -4.29 -9.91
C LYS A 317 -2.99 -3.34 -10.94
N ILE A 318 -4.31 -3.43 -11.13
CA ILE A 318 -4.99 -2.51 -12.04
C ILE A 318 -5.95 -1.63 -11.27
N ILE A 319 -5.62 -0.35 -11.19
CA ILE A 319 -6.31 0.56 -10.27
C ILE A 319 -6.68 1.85 -10.98
N ALA A 320 -7.97 2.13 -11.04
CA ALA A 320 -8.43 3.34 -11.71
C ALA A 320 -8.74 4.46 -10.73
N SER A 321 -8.59 5.70 -11.20
CA SER A 321 -9.09 6.85 -10.47
C SER A 321 -9.76 7.79 -11.46
N ASP A 322 -10.80 8.51 -11.01
CA ASP A 322 -11.35 9.61 -11.80
C ASP A 322 -10.55 10.88 -11.54
N ILE A 323 -10.82 11.93 -12.31
CA ILE A 323 -10.22 13.23 -12.12
C ILE A 323 -11.16 14.14 -11.32
N ILE A 324 -10.66 14.70 -10.24
CA ILE A 324 -11.50 15.47 -9.33
C ILE A 324 -11.57 16.91 -9.83
N SER A 325 -12.71 17.56 -9.63
CA SER A 325 -12.88 18.93 -10.11
C SER A 325 -12.42 19.96 -9.10
N SER A 326 -12.54 19.62 -7.82
CA SER A 326 -12.27 20.56 -6.73
C SER A 326 -10.82 20.50 -6.29
N GLY A 327 -10.36 21.56 -5.63
CA GLY A 327 -8.97 21.70 -5.22
C GLY A 327 -8.77 21.37 -3.77
N VAL A 328 -7.64 21.80 -3.21
CA VAL A 328 -7.31 21.42 -1.84
C VAL A 328 -8.47 21.82 -0.95
N GLU A 329 -8.72 21.05 0.11
CA GLU A 329 -9.85 21.32 1.00
C GLU A 329 -9.50 21.28 2.49
N ILE A 330 -10.10 22.17 3.26
CA ILE A 330 -9.96 22.15 4.72
C ILE A 330 -10.99 21.17 5.31
N ILE A 331 -10.52 20.30 6.20
CA ILE A 331 -11.34 19.24 6.77
C ILE A 331 -11.22 19.15 8.29
N LYS A 332 -12.03 18.28 8.89
CA LYS A 332 -11.94 17.99 10.31
C LYS A 332 -10.96 16.82 10.54
N MET B 6 -36.88 -6.94 10.18
CA MET B 6 -36.79 -7.98 9.15
C MET B 6 -35.36 -8.51 9.03
N VAL B 7 -34.40 -7.66 9.34
CA VAL B 7 -33.02 -7.87 8.91
C VAL B 7 -32.02 -8.08 10.05
N LYS B 8 -31.08 -9.01 9.83
CA LYS B 8 -30.06 -9.34 10.83
C LYS B 8 -28.67 -8.83 10.43
N SER B 9 -28.01 -8.12 11.35
CA SER B 9 -26.83 -7.35 11.00
C SER B 9 -25.72 -7.34 12.05
N GLY B 10 -24.47 -7.34 11.58
CA GLY B 10 -23.31 -7.31 12.47
C GLY B 10 -22.01 -6.86 11.84
N LYS B 11 -21.13 -6.32 12.67
CA LYS B 11 -19.86 -5.81 12.12
C LYS B 11 -18.67 -6.13 13.01
N ALA B 12 -17.59 -6.56 12.38
CA ALA B 12 -16.39 -6.95 13.13
C ALA B 12 -15.06 -6.58 12.45
N ARG B 13 -14.04 -6.37 13.28
CA ARG B 13 -12.68 -6.16 12.81
C ARG B 13 -11.74 -7.29 13.23
N ALA B 14 -11.11 -7.92 12.25
CA ALA B 14 -10.08 -8.95 12.52
C ALA B 14 -8.75 -8.53 11.91
N HIS B 15 -7.68 -8.67 12.68
CA HIS B 15 -6.33 -8.36 12.23
C HIS B 15 -5.65 -9.58 11.60
N THR B 16 -4.76 -9.34 10.64
CA THR B 16 -4.02 -10.43 10.05
C THR B 16 -3.02 -10.96 11.07
N ASN B 17 -2.53 -12.17 10.83
CA ASN B 17 -1.52 -12.77 11.69
C ASN B 17 -0.49 -13.43 10.79
N ILE B 18 0.76 -13.45 11.23
CA ILE B 18 1.85 -14.09 10.45
C ILE B 18 2.36 -15.33 11.18
N ALA B 19 2.41 -16.47 10.50
CA ALA B 19 2.86 -17.70 11.13
C ALA B 19 4.37 -17.71 11.34
N LEU B 20 4.80 -17.96 12.58
CA LEU B 20 6.21 -18.12 12.91
C LEU B 20 6.61 -19.60 12.77
N ILE B 21 5.73 -20.49 13.22
CA ILE B 21 5.83 -21.89 12.83
C ILE B 21 4.73 -22.17 11.82
N LYS B 22 5.13 -22.45 10.59
CA LYS B 22 4.20 -22.47 9.47
C LYS B 22 3.13 -23.56 9.47
N TYR B 23 1.95 -23.19 9.00
CA TYR B 23 0.95 -24.13 8.55
C TYR B 23 1.22 -24.31 7.08
N TRP B 24 1.41 -25.55 6.65
CA TRP B 24 1.70 -25.79 5.26
C TRP B 24 1.36 -27.24 4.91
N GLY B 25 0.22 -27.42 4.25
CA GLY B 25 -0.26 -28.74 3.85
C GLY B 25 -1.45 -29.18 4.70
N LYS B 26 -2.54 -29.59 4.05
CA LYS B 26 -3.72 -30.04 4.78
C LYS B 26 -3.83 -31.58 4.87
N ALA B 27 -4.20 -32.06 6.06
CA ALA B 27 -4.61 -33.44 6.24
C ALA B 27 -5.98 -33.68 5.60
N ASP B 28 -6.85 -32.68 5.69
CA ASP B 28 -8.20 -32.75 5.12
C ASP B 28 -8.51 -31.46 4.34
N GLU B 29 -8.62 -31.58 3.03
CA GLU B 29 -8.88 -30.44 2.17
C GLU B 29 -10.30 -29.88 2.32
N THR B 30 -11.22 -30.69 2.81
CA THR B 30 -12.63 -30.30 2.90
C THR B 30 -12.93 -29.44 4.13
N TYR B 31 -12.52 -29.91 5.29
CA TYR B 31 -12.76 -29.19 6.53
C TYR B 31 -11.57 -28.31 6.94
N ILE B 32 -10.52 -28.34 6.13
CA ILE B 32 -9.29 -27.63 6.41
C ILE B 32 -8.69 -28.03 7.76
N ILE B 33 -8.24 -29.27 7.84
CA ILE B 33 -7.45 -29.74 8.98
C ILE B 33 -5.98 -29.76 8.54
N PRO B 34 -5.08 -29.14 9.34
CA PRO B 34 -3.67 -29.03 8.96
C PRO B 34 -2.90 -30.32 9.25
N MET B 35 -1.82 -30.57 8.51
CA MET B 35 -0.94 -31.70 8.79
C MET B 35 -0.14 -31.46 10.04
N ASN B 36 -0.02 -30.19 10.44
CA ASN B 36 0.74 -29.84 11.64
C ASN B 36 0.24 -28.58 12.35
N ASN B 37 0.59 -28.44 13.63
CA ASN B 37 0.27 -27.24 14.37
C ASN B 37 1.01 -26.03 13.82
N SER B 38 0.50 -24.85 14.10
CA SER B 38 1.16 -23.62 13.68
C SER B 38 1.18 -22.60 14.80
N LEU B 39 2.11 -21.65 14.72
CA LEU B 39 2.24 -20.63 15.74
C LEU B 39 2.43 -19.28 15.07
N SER B 40 1.60 -18.30 15.43
CA SER B 40 1.62 -17.00 14.77
C SER B 40 1.57 -15.84 15.75
N VAL B 41 1.83 -14.65 15.23
CA VAL B 41 1.61 -13.41 15.97
C VAL B 41 0.63 -12.50 15.23
N THR B 42 -0.31 -11.91 15.96
CA THR B 42 -1.31 -11.06 15.31
C THR B 42 -0.84 -9.60 15.18
N LEU B 43 -1.09 -9.01 14.01
CA LEU B 43 -0.53 -7.69 13.69
C LEU B 43 -1.47 -6.51 13.95
N ASP B 44 -0.93 -5.49 14.59
CA ASP B 44 -1.68 -4.25 14.89
C ASP B 44 -2.11 -3.48 13.64
N ARG B 45 -1.25 -3.47 12.63
CA ARG B 45 -1.35 -2.49 11.57
C ARG B 45 -2.29 -2.89 10.43
N PHE B 46 -2.44 -4.20 10.20
CA PHE B 46 -3.16 -4.68 9.04
C PHE B 46 -4.41 -5.46 9.43
N TYR B 47 -5.55 -5.12 8.87
CA TYR B 47 -6.80 -5.75 9.29
C TYR B 47 -7.92 -5.67 8.27
N THR B 48 -9.03 -6.27 8.63
CA THR B 48 -10.21 -6.27 7.79
C THR B 48 -11.43 -5.88 8.63
N GLU B 49 -12.27 -5.01 8.08
CA GLU B 49 -13.55 -4.70 8.70
C GLU B 49 -14.64 -5.26 7.80
N THR B 50 -15.56 -6.01 8.39
CA THR B 50 -16.60 -6.66 7.60
C THR B 50 -17.96 -6.50 8.27
N LYS B 51 -18.91 -5.96 7.50
CA LYS B 51 -20.31 -5.93 7.92
C LYS B 51 -21.10 -6.98 7.16
N VAL B 52 -21.94 -7.72 7.87
CA VAL B 52 -22.85 -8.65 7.20
C VAL B 52 -24.29 -8.29 7.50
N THR B 53 -25.13 -8.37 6.46
CA THR B 53 -26.55 -8.11 6.57
C THR B 53 -27.36 -9.24 5.95
N PHE B 54 -28.13 -9.93 6.78
CA PHE B 54 -29.00 -11.02 6.31
C PHE B 54 -30.42 -10.53 6.02
N ASP B 55 -30.76 -10.47 4.73
CA ASP B 55 -32.07 -9.98 4.32
C ASP B 55 -32.88 -11.11 3.70
N PRO B 56 -34.08 -11.37 4.25
CA PRO B 56 -34.98 -12.41 3.75
C PRO B 56 -35.24 -12.28 2.25
N ASP B 57 -35.18 -11.06 1.71
CA ASP B 57 -35.47 -10.83 0.29
C ASP B 57 -34.26 -11.06 -0.63
N PHE B 58 -33.10 -11.28 -0.03
CA PHE B 58 -31.91 -11.64 -0.81
C PHE B 58 -32.06 -13.07 -1.30
N THR B 59 -31.71 -13.28 -2.57
CA THR B 59 -31.83 -14.60 -3.16
C THR B 59 -30.49 -15.30 -3.26
N GLU B 60 -29.42 -14.54 -3.08
CA GLU B 60 -28.06 -15.05 -3.21
C GLU B 60 -27.09 -14.16 -2.46
N ASP B 61 -25.92 -14.69 -2.12
CA ASP B 61 -24.94 -13.94 -1.34
C ASP B 61 -24.18 -12.92 -2.18
N CYS B 62 -23.93 -11.75 -1.58
CA CYS B 62 -23.22 -10.69 -2.25
C CYS B 62 -22.02 -10.23 -1.41
N LEU B 63 -20.87 -10.12 -2.07
CA LEU B 63 -19.68 -9.57 -1.40
C LEU B 63 -19.14 -8.35 -2.14
N ILE B 64 -19.22 -7.20 -1.47
CA ILE B 64 -18.56 -6.00 -1.94
C ILE B 64 -17.30 -5.82 -1.09
N LEU B 65 -16.17 -5.73 -1.76
CA LEU B 65 -14.88 -5.67 -1.07
C LEU B 65 -14.12 -4.43 -1.51
N ASN B 66 -13.86 -3.54 -0.57
CA ASN B 66 -13.19 -2.28 -0.88
C ASN B 66 -13.95 -1.54 -1.97
N GLY B 67 -15.28 -1.55 -1.86
CA GLY B 67 -16.13 -0.76 -2.73
C GLY B 67 -16.59 -1.46 -3.98
N ASN B 68 -15.89 -2.53 -4.35
CA ASN B 68 -16.13 -3.19 -5.62
C ASN B 68 -16.66 -4.62 -5.51
N GLU B 69 -17.31 -5.08 -6.58
CA GLU B 69 -17.87 -6.42 -6.61
C GLU B 69 -16.77 -7.48 -6.47
N VAL B 70 -17.13 -8.62 -5.89
CA VAL B 70 -16.18 -9.70 -5.68
C VAL B 70 -15.82 -10.38 -7.00
N ASN B 71 -14.89 -11.32 -6.94
CA ASN B 71 -14.45 -12.04 -8.13
C ASN B 71 -15.31 -13.27 -8.42
N ALA B 72 -14.89 -14.07 -9.38
CA ALA B 72 -15.62 -15.29 -9.74
C ALA B 72 -15.27 -16.44 -8.81
N LYS B 73 -13.97 -16.71 -8.66
CA LYS B 73 -13.50 -17.80 -7.79
C LYS B 73 -13.82 -17.51 -6.33
N GLU B 74 -14.03 -16.24 -6.01
CA GLU B 74 -14.37 -15.83 -4.66
C GLU B 74 -15.87 -15.70 -4.48
N LYS B 75 -16.50 -14.91 -5.34
CA LYS B 75 -17.94 -14.72 -5.30
C LYS B 75 -18.65 -16.05 -5.06
N GLU B 76 -18.10 -17.11 -5.65
CA GLU B 76 -18.66 -18.45 -5.48
C GLU B 76 -18.07 -19.12 -4.25
N LYS B 77 -16.80 -18.82 -3.96
CA LYS B 77 -16.13 -19.38 -2.80
C LYS B 77 -16.82 -18.93 -1.53
N ILE B 78 -17.21 -17.65 -1.49
CA ILE B 78 -17.84 -17.05 -0.32
C ILE B 78 -19.25 -17.58 -0.16
N GLN B 79 -19.82 -18.06 -1.26
CA GLN B 79 -21.17 -18.61 -1.24
C GLN B 79 -21.22 -19.96 -0.53
N ASN B 80 -20.16 -20.75 -0.69
CA ASN B 80 -20.11 -22.06 -0.05
C ASN B 80 -19.80 -21.95 1.43
N TYR B 81 -19.09 -20.89 1.79
CA TYR B 81 -18.73 -20.67 3.18
C TYR B 81 -19.96 -20.27 3.96
N MET B 82 -20.78 -19.41 3.36
CA MET B 82 -22.02 -18.94 3.97
C MET B 82 -23.03 -20.09 4.16
N ASN B 83 -23.01 -21.04 3.24
CA ASN B 83 -23.76 -22.28 3.40
C ASN B 83 -23.40 -22.91 4.73
N ILE B 84 -22.14 -22.80 5.12
CA ILE B 84 -21.71 -23.36 6.39
C ILE B 84 -22.29 -22.59 7.56
N VAL B 85 -22.40 -21.28 7.40
CA VAL B 85 -22.96 -20.42 8.44
C VAL B 85 -24.47 -20.68 8.58
N ARG B 86 -25.18 -20.72 7.45
CA ARG B 86 -26.61 -21.00 7.47
C ARG B 86 -26.87 -22.31 8.19
N ASP B 87 -26.19 -23.36 7.73
CA ASP B 87 -26.24 -24.67 8.37
C ASP B 87 -25.99 -24.56 9.88
N LEU B 88 -24.93 -23.86 10.26
CA LEU B 88 -24.60 -23.66 11.66
C LEU B 88 -25.72 -22.92 12.39
N ALA B 89 -26.32 -21.94 11.71
CA ALA B 89 -27.29 -21.06 12.36
C ALA B 89 -28.68 -21.69 12.39
N GLY B 90 -28.97 -22.52 11.39
CA GLY B 90 -30.27 -23.14 11.28
C GLY B 90 -31.24 -22.23 10.54
N ASN B 91 -30.75 -21.55 9.51
CA ASN B 91 -31.58 -20.66 8.71
C ASN B 91 -31.20 -20.75 7.25
N ARG B 92 -31.90 -20.00 6.40
CA ARG B 92 -31.68 -20.11 4.96
C ARG B 92 -31.43 -18.74 4.36
N LEU B 93 -31.00 -17.81 5.20
CA LEU B 93 -30.80 -16.42 4.80
C LEU B 93 -29.51 -16.18 4.03
N HIS B 94 -29.61 -15.48 2.91
CA HIS B 94 -28.44 -15.02 2.18
C HIS B 94 -27.98 -13.64 2.69
N ALA B 95 -26.75 -13.25 2.36
CA ALA B 95 -26.10 -12.13 3.05
C ALA B 95 -25.50 -11.10 2.11
N ARG B 96 -25.67 -9.83 2.47
CA ARG B 96 -24.91 -8.75 1.85
C ARG B 96 -23.66 -8.53 2.70
N ILE B 97 -22.50 -8.74 2.09
CA ILE B 97 -21.24 -8.58 2.81
C ILE B 97 -20.48 -7.33 2.36
N GLU B 98 -20.30 -6.39 3.27
CA GLU B 98 -19.54 -5.17 2.98
C GLU B 98 -18.23 -5.23 3.73
N SER B 99 -17.12 -5.31 3.01
CA SER B 99 -15.84 -5.56 3.64
C SER B 99 -14.73 -4.66 3.13
N GLU B 100 -13.88 -4.22 4.05
CA GLU B 100 -12.77 -3.34 3.74
C GLU B 100 -11.45 -3.90 4.29
N ASN B 101 -10.48 -4.14 3.41
CA ASN B 101 -9.13 -4.54 3.85
C ASN B 101 -8.23 -3.32 4.09
N TYR B 102 -7.91 -3.06 5.35
CA TYR B 102 -6.95 -2.00 5.66
C TYR B 102 -5.51 -2.51 5.56
N VAL B 103 -4.97 -2.47 4.35
CA VAL B 103 -3.59 -2.83 4.06
C VAL B 103 -3.03 -1.88 2.99
N PRO B 104 -1.69 -1.76 2.91
CA PRO B 104 -1.11 -0.99 1.82
C PRO B 104 -1.47 -1.66 0.50
N THR B 105 -1.81 -0.87 -0.51
CA THR B 105 -2.49 -1.44 -1.67
C THR B 105 -1.54 -2.02 -2.71
N ALA B 106 -1.87 -3.24 -3.16
CA ALA B 106 -1.13 -3.88 -4.25
C ALA B 106 0.30 -4.20 -3.85
N ALA B 107 0.48 -4.51 -2.56
CA ALA B 107 1.79 -4.82 -1.99
C ALA B 107 1.92 -6.31 -1.62
N GLY B 108 0.89 -7.09 -1.92
CA GLY B 108 0.97 -8.54 -1.79
C GLY B 108 0.69 -9.08 -0.41
N LEU B 109 0.19 -8.24 0.48
CA LEU B 109 -0.20 -8.74 1.80
C LEU B 109 -1.41 -9.68 1.67
N ALA B 110 -1.32 -10.81 2.38
CA ALA B 110 -2.41 -11.78 2.46
C ALA B 110 -3.60 -11.28 3.30
N SER B 111 -4.80 -11.40 2.77
CA SER B 111 -5.97 -10.95 3.50
C SER B 111 -6.88 -12.09 3.98
N SER B 112 -6.56 -13.34 3.63
CA SER B 112 -7.49 -14.43 3.94
C SER B 112 -7.69 -14.67 5.46
N ALA B 113 -6.61 -14.52 6.24
CA ALA B 113 -6.73 -14.71 7.69
C ALA B 113 -7.70 -13.71 8.28
N SER B 114 -7.48 -12.44 7.99
CA SER B 114 -8.27 -11.38 8.60
C SER B 114 -9.68 -11.40 8.01
N ALA B 115 -9.78 -11.73 6.73
CA ALA B 115 -11.07 -11.73 6.04
C ALA B 115 -12.06 -12.71 6.68
N TYR B 116 -11.64 -13.95 6.84
CA TYR B 116 -12.55 -14.96 7.34
C TYR B 116 -12.79 -14.89 8.82
N ALA B 117 -11.81 -14.39 9.57
CA ALA B 117 -12.00 -14.24 11.00
C ALA B 117 -12.95 -13.08 11.31
N ALA B 118 -12.89 -12.06 10.47
CA ALA B 118 -13.81 -10.93 10.59
C ALA B 118 -15.21 -11.38 10.16
N LEU B 119 -15.29 -12.07 9.03
CA LEU B 119 -16.57 -12.61 8.55
C LEU B 119 -17.21 -13.53 9.59
N ALA B 120 -16.43 -14.43 10.18
CA ALA B 120 -16.96 -15.35 11.17
C ALA B 120 -17.52 -14.56 12.35
N ALA B 121 -16.74 -13.62 12.86
CA ALA B 121 -17.17 -12.83 14.02
C ALA B 121 -18.40 -11.96 13.70
N ALA B 122 -18.48 -11.46 12.47
CA ALA B 122 -19.58 -10.55 12.11
C ALA B 122 -20.90 -11.30 11.98
N CYS B 123 -20.84 -12.53 11.43
CA CYS B 123 -21.98 -13.43 11.36
C CYS B 123 -22.43 -13.83 12.75
N ASN B 124 -21.46 -14.15 13.60
CA ASN B 124 -21.72 -14.51 14.98
C ASN B 124 -22.52 -13.43 15.70
N GLU B 125 -22.16 -12.17 15.44
CA GLU B 125 -22.84 -11.03 16.03
C GLU B 125 -24.22 -10.87 15.38
N ALA B 126 -24.27 -10.88 14.06
CA ALA B 126 -25.53 -10.75 13.34
C ALA B 126 -26.58 -11.74 13.87
N LEU B 127 -26.25 -13.03 13.78
CA LEU B 127 -27.18 -14.10 14.19
C LEU B 127 -27.19 -14.38 15.70
N SER B 128 -26.55 -13.51 16.47
CA SER B 128 -26.47 -13.66 17.94
C SER B 128 -26.12 -15.07 18.41
N LEU B 129 -25.17 -15.72 17.75
CA LEU B 129 -24.83 -17.11 18.05
C LEU B 129 -24.10 -17.26 19.39
N ASN B 130 -23.48 -16.18 19.85
CA ASN B 130 -22.67 -16.25 21.07
C ASN B 130 -21.66 -17.43 21.06
N LEU B 131 -21.07 -17.69 19.90
CA LEU B 131 -20.05 -18.72 19.78
C LEU B 131 -18.86 -18.42 20.69
N SER B 132 -18.36 -19.46 21.37
CA SER B 132 -17.11 -19.31 22.13
C SER B 132 -15.96 -19.00 21.16
N ASP B 133 -14.85 -18.52 21.70
CA ASP B 133 -13.65 -18.32 20.88
C ASP B 133 -13.24 -19.58 20.12
N THR B 134 -13.31 -20.73 20.80
CA THR B 134 -13.01 -22.03 20.20
C THR B 134 -13.88 -22.24 18.97
N ASP B 135 -15.18 -22.02 19.11
CA ASP B 135 -16.11 -22.31 18.03
C ASP B 135 -16.09 -21.23 16.95
N LEU B 136 -15.67 -20.04 17.34
CA LEU B 136 -15.45 -18.94 16.38
C LEU B 136 -14.22 -19.27 15.53
N SER B 137 -13.18 -19.75 16.20
CA SER B 137 -11.95 -20.15 15.52
C SER B 137 -12.25 -21.30 14.56
N ARG B 138 -13.05 -22.27 15.02
CA ARG B 138 -13.48 -23.38 14.17
C ARG B 138 -14.20 -22.89 12.91
N LEU B 139 -15.07 -21.91 13.08
CA LEU B 139 -15.85 -21.40 11.96
C LEU B 139 -14.96 -20.67 10.96
N ALA B 140 -13.98 -19.93 11.49
CA ALA B 140 -13.06 -19.19 10.63
C ALA B 140 -12.10 -20.14 9.90
N ARG B 141 -11.69 -21.22 10.58
CA ARG B 141 -10.88 -22.25 9.95
C ARG B 141 -11.51 -22.76 8.65
N ARG B 142 -12.83 -22.95 8.68
CA ARG B 142 -13.57 -23.46 7.53
C ARG B 142 -13.41 -22.61 6.27
N GLY B 143 -13.16 -21.31 6.44
CA GLY B 143 -12.96 -20.43 5.29
C GLY B 143 -11.50 -20.40 4.81
N SER B 144 -10.59 -20.34 5.77
CA SER B 144 -9.15 -20.31 5.52
C SER B 144 -8.46 -20.69 6.81
N GLY B 145 -7.49 -21.59 6.76
CA GLY B 145 -6.93 -22.15 7.96
C GLY B 145 -6.25 -21.12 8.85
N SER B 146 -5.57 -20.17 8.23
CA SER B 146 -4.87 -19.13 8.99
C SER B 146 -5.84 -18.20 9.73
N ALA B 147 -7.09 -18.12 9.25
CA ALA B 147 -8.10 -17.27 9.90
C ALA B 147 -8.44 -17.79 11.28
N SER B 148 -8.22 -19.08 11.51
CA SER B 148 -8.50 -19.68 12.81
C SER B 148 -7.69 -18.98 13.89
N ARG B 149 -6.54 -18.43 13.51
CA ARG B 149 -5.63 -17.82 14.47
C ARG B 149 -5.97 -16.34 14.69
N SER B 150 -6.56 -15.71 13.69
CA SER B 150 -6.86 -14.27 13.74
C SER B 150 -8.01 -13.92 14.69
N ILE B 151 -8.61 -14.96 15.27
CA ILE B 151 -9.60 -14.77 16.32
C ILE B 151 -8.91 -14.20 17.54
N PHE B 152 -7.60 -14.45 17.65
CA PHE B 152 -6.83 -14.06 18.82
C PHE B 152 -5.75 -13.02 18.56
N GLY B 153 -5.34 -12.33 19.63
CA GLY B 153 -4.22 -11.41 19.58
C GLY B 153 -2.89 -12.04 19.97
N GLY B 154 -1.83 -11.23 19.97
CA GLY B 154 -0.51 -11.69 20.36
C GLY B 154 -0.13 -13.01 19.73
N PHE B 155 0.51 -13.88 20.52
CA PHE B 155 0.85 -15.22 20.06
C PHE B 155 -0.40 -16.09 20.07
N ALA B 156 -0.58 -16.90 19.05
CA ALA B 156 -1.66 -17.86 19.03
C ALA B 156 -1.21 -19.17 18.39
N GLU B 157 -1.74 -20.29 18.87
CA GLU B 157 -1.44 -21.59 18.27
C GLU B 157 -2.66 -22.28 17.70
N TRP B 158 -2.58 -22.69 16.43
CA TRP B 158 -3.56 -23.57 15.82
C TRP B 158 -3.25 -25.04 16.14
N GLU B 159 -4.10 -25.67 16.96
CA GLU B 159 -3.97 -27.08 17.29
C GLU B 159 -4.61 -27.89 16.17
N LYS B 160 -3.84 -28.76 15.53
CA LYS B 160 -4.33 -29.43 14.32
C LYS B 160 -5.56 -30.33 14.55
N GLY B 161 -5.67 -30.88 15.76
CA GLY B 161 -6.65 -31.93 16.03
C GLY B 161 -6.75 -32.98 14.92
N HIS B 162 -7.90 -33.66 14.85
CA HIS B 162 -8.11 -34.71 13.87
C HIS B 162 -9.46 -34.60 13.18
N ASP B 163 -10.32 -33.71 13.69
CA ASP B 163 -11.62 -33.47 13.07
C ASP B 163 -12.08 -32.02 13.22
N ASP B 164 -13.20 -31.71 12.57
CA ASP B 164 -13.80 -30.38 12.64
C ASP B 164 -13.97 -29.89 14.07
N LEU B 165 -14.28 -30.80 14.99
CA LEU B 165 -14.48 -30.42 16.38
C LEU B 165 -13.20 -30.08 17.13
N THR B 166 -12.09 -30.71 16.77
CA THR B 166 -10.88 -30.64 17.58
C THR B 166 -9.79 -29.74 16.99
N SER B 167 -9.99 -29.30 15.76
CA SER B 167 -9.01 -28.48 15.04
C SER B 167 -9.31 -26.98 15.12
N TYR B 168 -8.62 -26.29 16.02
CA TYR B 168 -8.85 -24.87 16.25
C TYR B 168 -7.69 -24.21 16.99
N ALA B 169 -7.65 -22.88 16.91
CA ALA B 169 -6.60 -22.11 17.58
C ALA B 169 -6.98 -21.67 18.99
N HIS B 170 -5.97 -21.28 19.75
CA HIS B 170 -6.15 -20.67 21.06
C HIS B 170 -5.06 -19.62 21.23
N GLY B 171 -5.35 -18.58 22.01
CA GLY B 171 -4.38 -17.54 22.26
C GLY B 171 -3.43 -17.95 23.36
N ILE B 172 -2.21 -17.43 23.31
CA ILE B 172 -1.20 -17.74 24.31
C ILE B 172 -0.90 -16.52 25.13
N ASN B 173 -0.88 -16.70 26.45
CA ASN B 173 -0.52 -15.63 27.37
C ASN B 173 0.99 -15.58 27.57
N SER B 174 1.63 -14.52 27.10
CA SER B 174 3.07 -14.40 27.22
C SER B 174 3.43 -13.29 28.20
N ASN B 175 2.53 -13.00 29.14
CA ASN B 175 2.76 -11.95 30.11
C ASN B 175 3.08 -10.58 29.48
N GLY B 176 2.47 -10.34 28.33
CA GLY B 176 2.56 -9.04 27.69
C GLY B 176 3.84 -8.91 26.87
N TRP B 177 4.50 -10.04 26.62
CA TRP B 177 5.73 -10.01 25.83
C TRP B 177 5.45 -9.39 24.47
N GLU B 178 4.27 -9.68 23.91
CA GLU B 178 3.92 -9.17 22.59
C GLU B 178 3.99 -7.64 22.50
N LYS B 179 3.81 -6.94 23.62
CA LYS B 179 3.93 -5.48 23.60
C LYS B 179 5.36 -4.98 23.40
N ASP B 180 6.33 -5.89 23.43
CA ASP B 180 7.73 -5.54 23.26
C ASP B 180 8.22 -5.80 21.84
N LEU B 181 7.38 -6.46 21.04
CA LEU B 181 7.82 -6.97 19.74
C LEU B 181 7.18 -6.21 18.58
N SER B 182 7.83 -6.28 17.42
CA SER B 182 7.32 -5.64 16.22
C SER B 182 7.67 -6.49 15.03
N MET B 183 7.11 -6.13 13.88
CA MET B 183 7.41 -6.87 12.66
C MET B 183 7.56 -5.88 11.54
N ILE B 184 8.71 -5.92 10.86
CA ILE B 184 8.98 -5.06 9.71
C ILE B 184 8.71 -5.83 8.42
N PHE B 185 7.87 -5.25 7.56
CA PHE B 185 7.56 -5.83 6.25
C PHE B 185 8.42 -5.21 5.15
N VAL B 186 9.16 -6.05 4.43
CA VAL B 186 9.87 -5.61 3.25
C VAL B 186 9.07 -6.02 2.03
N VAL B 187 8.56 -5.02 1.33
CA VAL B 187 7.68 -5.28 0.21
C VAL B 187 8.48 -5.49 -1.06
N ILE B 188 8.19 -6.59 -1.73
CA ILE B 188 8.96 -7.07 -2.86
C ILE B 188 7.99 -7.61 -3.94
N ASN B 189 8.34 -7.36 -5.20
CA ASN B 189 7.45 -7.65 -6.32
C ASN B 189 7.79 -8.95 -7.05
N ASN B 190 6.74 -9.60 -7.56
CA ASN B 190 6.88 -10.76 -8.43
C ASN B 190 6.74 -10.37 -9.91
N VAL B 195 1.12 -18.06 -7.58
CA VAL B 195 0.74 -19.41 -7.14
C VAL B 195 0.06 -19.37 -5.77
N SER B 196 -1.21 -19.76 -5.76
CA SER B 196 -2.02 -19.69 -4.54
C SER B 196 -1.39 -20.43 -3.36
N SER B 197 -1.63 -19.92 -2.15
CA SER B 197 -1.18 -20.61 -0.95
C SER B 197 -1.87 -21.97 -0.80
N ARG B 198 -3.16 -22.02 -1.10
CA ARG B 198 -3.93 -23.26 -1.09
C ARG B 198 -3.46 -24.23 -2.18
N SER B 199 -3.27 -23.72 -3.39
CA SER B 199 -2.80 -24.52 -4.50
C SER B 199 -1.33 -24.95 -4.33
N GLY B 200 -0.53 -24.05 -3.79
CA GLY B 200 0.88 -24.32 -3.56
C GLY B 200 1.11 -25.37 -2.50
N MET B 201 0.44 -25.24 -1.35
CA MET B 201 0.67 -26.17 -0.24
C MET B 201 0.10 -27.54 -0.56
N SER B 202 -0.83 -27.58 -1.50
CA SER B 202 -1.47 -28.82 -1.91
C SER B 202 -0.49 -29.66 -2.74
N LEU B 203 0.08 -29.03 -3.76
CA LEU B 203 1.08 -29.67 -4.60
C LEU B 203 2.23 -30.17 -3.72
N THR B 204 2.71 -29.32 -2.84
CA THR B 204 3.83 -29.67 -1.97
C THR B 204 3.47 -30.80 -1.00
N ARG B 205 2.30 -30.72 -0.38
CA ARG B 205 1.85 -31.75 0.55
C ARG B 205 1.67 -33.08 -0.18
N ASP B 206 1.24 -32.99 -1.43
CA ASP B 206 0.92 -34.19 -2.21
C ASP B 206 2.15 -34.82 -2.87
N THR B 207 3.09 -34.01 -3.32
CA THR B 207 4.14 -34.50 -4.22
C THR B 207 5.58 -34.30 -3.74
N SER B 208 5.78 -33.48 -2.71
CA SER B 208 7.14 -33.01 -2.41
C SER B 208 8.03 -34.07 -1.80
N ARG B 209 9.20 -34.23 -2.41
CA ARG B 209 10.19 -35.19 -1.96
C ARG B 209 10.81 -34.80 -0.62
N PHE B 210 10.59 -33.56 -0.19
CA PHE B 210 11.15 -33.09 1.08
C PHE B 210 10.07 -32.86 2.13
N TYR B 211 8.85 -33.29 1.85
CA TYR B 211 7.76 -33.06 2.80
C TYR B 211 7.94 -33.82 4.12
N GLN B 212 8.43 -35.06 4.03
CA GLN B 212 8.61 -35.87 5.23
C GLN B 212 9.59 -35.16 6.15
N TYR B 213 10.66 -34.62 5.56
CA TYR B 213 11.67 -33.87 6.32
C TYR B 213 11.02 -32.72 7.11
N TRP B 214 10.06 -32.05 6.48
CA TRP B 214 9.26 -31.03 7.16
C TRP B 214 8.49 -31.60 8.35
N LEU B 215 7.75 -32.68 8.11
CA LEU B 215 6.95 -33.32 9.18
C LEU B 215 7.79 -33.80 10.35
N ASP B 216 9.02 -34.25 10.05
CA ASP B 216 9.89 -34.81 11.07
C ASP B 216 10.40 -33.73 12.02
N HIS B 217 10.41 -32.48 11.56
CA HIS B 217 10.99 -31.45 12.42
C HIS B 217 10.00 -30.44 12.99
N VAL B 218 8.79 -30.40 12.43
CA VAL B 218 7.87 -29.33 12.77
C VAL B 218 7.46 -29.34 14.24
N ASP B 219 7.23 -30.51 14.81
CA ASP B 219 6.78 -30.58 16.21
C ASP B 219 7.85 -30.12 17.20
N GLU B 220 9.10 -30.42 16.89
CA GLU B 220 10.21 -29.99 17.72
C GLU B 220 10.40 -28.48 17.59
N ASP B 221 10.20 -27.96 16.38
CA ASP B 221 10.31 -26.53 16.15
C ASP B 221 9.24 -25.83 16.96
N LEU B 222 8.03 -26.36 16.86
CA LEU B 222 6.90 -25.82 17.61
C LEU B 222 7.18 -25.78 19.09
N ASN B 223 7.58 -26.93 19.66
CA ASN B 223 7.83 -26.99 21.10
C ASN B 223 8.93 -26.03 21.55
N GLU B 224 9.98 -25.91 20.75
CA GLU B 224 11.08 -24.99 21.05
C GLU B 224 10.56 -23.55 20.94
N ALA B 225 9.68 -23.33 19.99
CA ALA B 225 9.10 -22.00 19.82
C ALA B 225 8.22 -21.64 21.01
N LYS B 226 7.34 -22.55 21.40
CA LYS B 226 6.44 -22.28 22.52
C LYS B 226 7.18 -22.18 23.85
N GLU B 227 8.36 -22.79 23.92
CA GLU B 227 9.18 -22.71 25.12
C GLU B 227 9.85 -21.35 25.24
N ALA B 228 10.37 -20.84 24.12
CA ALA B 228 10.99 -19.52 24.09
C ALA B 228 10.00 -18.44 24.49
N VAL B 229 8.75 -18.59 24.04
CA VAL B 229 7.71 -17.65 24.42
C VAL B 229 7.52 -17.64 25.95
N LYS B 230 7.50 -18.82 26.56
CA LYS B 230 7.36 -18.93 28.01
C LYS B 230 8.48 -18.20 28.77
N ASN B 231 9.67 -18.17 28.17
CA ASN B 231 10.81 -17.47 28.78
C ASN B 231 11.07 -16.07 28.21
N GLN B 232 10.28 -15.66 27.23
CA GLN B 232 10.50 -14.37 26.57
C GLN B 232 11.96 -14.31 26.12
N ASP B 233 12.40 -15.38 25.48
CA ASP B 233 13.76 -15.52 25.03
C ASP B 233 13.78 -15.20 23.55
N PHE B 234 14.04 -13.96 23.22
CA PHE B 234 13.89 -13.51 21.84
C PHE B 234 14.80 -14.23 20.82
N GLN B 235 16.07 -14.40 21.16
CA GLN B 235 17.04 -15.04 20.26
C GLN B 235 16.67 -16.49 19.97
N ARG B 236 16.23 -17.18 21.02
CA ARG B 236 15.85 -18.58 20.92
C ARG B 236 14.58 -18.73 20.08
N LEU B 237 13.60 -17.87 20.34
CA LEU B 237 12.40 -17.85 19.51
C LEU B 237 12.79 -17.60 18.05
N GLY B 238 13.61 -16.58 17.83
CA GLY B 238 13.98 -16.13 16.50
C GLY B 238 14.65 -17.21 15.66
N GLU B 239 15.66 -17.85 16.22
CA GLU B 239 16.41 -18.89 15.51
C GLU B 239 15.56 -20.04 15.06
N VAL B 240 14.70 -20.56 15.92
CA VAL B 240 13.88 -21.70 15.51
C VAL B 240 12.87 -21.33 14.42
N ILE B 241 12.22 -20.18 14.57
CA ILE B 241 11.18 -19.80 13.62
C ILE B 241 11.82 -19.47 12.26
N GLU B 242 12.98 -18.84 12.29
CA GLU B 242 13.70 -18.58 11.05
C GLU B 242 14.05 -19.88 10.31
N ALA B 243 14.56 -20.86 11.06
CA ALA B 243 14.89 -22.16 10.49
C ALA B 243 13.62 -22.85 9.93
N ASN B 244 12.56 -22.88 10.73
CA ASN B 244 11.29 -23.46 10.30
C ASN B 244 10.78 -22.84 8.99
N GLY B 245 10.77 -21.50 8.94
CA GLY B 245 10.30 -20.81 7.75
C GLY B 245 11.05 -21.21 6.49
N LEU B 246 12.36 -21.31 6.59
CA LEU B 246 13.17 -21.75 5.45
C LEU B 246 12.85 -23.19 5.06
N ARG B 247 12.65 -24.04 6.07
CA ARG B 247 12.33 -25.44 5.80
C ARG B 247 11.01 -25.57 5.02
N MET B 248 10.05 -24.69 5.32
CA MET B 248 8.81 -24.65 4.57
C MET B 248 9.09 -24.37 3.09
N HIS B 249 9.94 -23.40 2.79
CA HIS B 249 10.24 -23.10 1.39
C HIS B 249 11.09 -24.21 0.75
N ALA B 250 11.87 -24.91 1.56
CA ALA B 250 12.59 -26.08 1.07
C ALA B 250 11.61 -27.09 0.50
N THR B 251 10.46 -27.27 1.15
CA THR B 251 9.55 -28.32 0.71
C THR B 251 9.03 -28.03 -0.71
N ASN B 252 8.92 -26.76 -1.06
CA ASN B 252 8.47 -26.41 -2.41
C ASN B 252 9.52 -26.71 -3.48
N LEU B 253 10.79 -26.59 -3.12
CA LEU B 253 11.88 -26.98 -3.99
C LEU B 253 11.76 -28.47 -4.32
N GLY B 254 11.15 -29.22 -3.42
CA GLY B 254 11.04 -30.66 -3.59
C GLY B 254 9.75 -31.11 -4.26
N ALA B 255 8.89 -30.16 -4.62
CA ALA B 255 7.62 -30.48 -5.25
C ALA B 255 7.80 -31.02 -6.66
N GLN B 256 6.72 -31.61 -7.19
CA GLN B 256 6.74 -32.21 -8.50
C GLN B 256 5.79 -31.52 -9.48
N PRO B 257 6.29 -30.52 -10.23
CA PRO B 257 7.65 -30.00 -10.32
C PRO B 257 7.93 -28.93 -9.25
N PRO B 258 9.22 -28.53 -9.09
CA PRO B 258 9.59 -27.56 -8.06
C PRO B 258 9.12 -26.14 -8.34
N PHE B 259 8.88 -25.40 -7.27
CA PHE B 259 8.51 -24.02 -7.42
C PHE B 259 9.01 -23.26 -6.20
N THR B 260 9.10 -21.95 -6.33
CA THR B 260 9.54 -21.11 -5.22
C THR B 260 8.77 -19.80 -5.14
N TYR B 261 8.51 -19.35 -3.92
CA TYR B 261 7.96 -18.02 -3.69
C TYR B 261 9.03 -16.92 -3.66
N LEU B 262 10.29 -17.30 -3.50
CA LEU B 262 11.35 -16.31 -3.25
C LEU B 262 12.00 -15.76 -4.53
N VAL B 263 12.33 -14.46 -4.51
CA VAL B 263 13.12 -13.88 -5.58
C VAL B 263 14.39 -13.26 -5.00
N GLN B 264 15.34 -12.89 -5.87
CA GLN B 264 16.67 -12.47 -5.43
C GLN B 264 16.60 -11.42 -4.33
N GLU B 265 15.68 -10.47 -4.49
CA GLU B 265 15.49 -9.39 -3.53
C GLU B 265 15.11 -9.89 -2.14
N SER B 266 14.30 -10.95 -2.09
CA SER B 266 13.98 -11.61 -0.82
C SER B 266 15.30 -12.01 -0.15
N TYR B 267 16.23 -12.54 -0.94
CA TYR B 267 17.51 -12.98 -0.38
C TYR B 267 18.34 -11.79 0.06
N ASP B 268 18.22 -10.68 -0.69
CA ASP B 268 18.90 -9.44 -0.31
C ASP B 268 18.42 -8.97 1.06
N ALA B 269 17.11 -9.03 1.30
CA ALA B 269 16.55 -8.66 2.60
C ALA B 269 17.04 -9.58 3.71
N MET B 270 17.08 -10.89 3.43
CA MET B 270 17.58 -11.87 4.40
C MET B 270 19.01 -11.58 4.82
N ALA B 271 19.85 -11.25 3.82
CA ALA B 271 21.25 -10.94 4.10
C ALA B 271 21.32 -9.74 5.04
N ILE B 272 20.44 -8.78 4.84
CA ILE B 272 20.44 -7.61 5.71
C ILE B 272 20.12 -7.98 7.17
N VAL B 273 19.16 -8.89 7.36
CA VAL B 273 18.83 -9.32 8.72
C VAL B 273 20.05 -9.96 9.40
N GLU B 274 20.76 -10.83 8.67
CA GLU B 274 21.96 -11.45 9.25
C GLU B 274 23.00 -10.39 9.67
N GLN B 275 23.21 -9.38 8.84
CA GLN B 275 24.16 -8.33 9.16
C GLN B 275 23.75 -7.57 10.41
N CYS B 276 22.46 -7.25 10.52
CA CYS B 276 21.94 -6.65 11.74
C CYS B 276 22.31 -7.46 12.98
N ARG B 277 22.19 -8.80 12.89
CA ARG B 277 22.45 -9.67 14.03
C ARG B 277 23.93 -9.58 14.43
N LYS B 278 24.79 -9.47 13.43
CA LYS B 278 26.23 -9.37 13.65
C LYS B 278 26.57 -8.03 14.27
N ALA B 279 25.67 -7.07 14.17
CA ALA B 279 25.94 -5.72 14.66
C ALA B 279 25.14 -5.40 15.92
N ASN B 280 24.82 -6.44 16.69
CA ASN B 280 24.07 -6.27 17.93
C ASN B 280 22.66 -5.75 17.71
N LEU B 281 22.04 -6.12 16.58
CA LEU B 281 20.64 -5.79 16.35
C LEU B 281 19.84 -7.07 16.08
N PRO B 282 19.50 -7.81 17.15
CA PRO B 282 18.76 -9.07 17.02
C PRO B 282 17.47 -8.89 16.22
N CYS B 283 17.31 -9.68 15.16
CA CYS B 283 16.07 -9.75 14.39
C CYS B 283 16.08 -11.00 13.51
N TYR B 284 14.90 -11.45 13.09
CA TYR B 284 14.77 -12.72 12.37
C TYR B 284 13.74 -12.61 11.27
N PHE B 285 13.92 -13.33 10.17
CA PHE B 285 13.01 -13.18 9.03
C PHE B 285 12.12 -14.40 8.81
N THR B 286 11.01 -14.16 8.14
CA THR B 286 10.16 -15.25 7.65
C THR B 286 9.42 -14.78 6.40
N MET B 287 9.07 -15.72 5.54
CA MET B 287 8.35 -15.46 4.30
C MET B 287 7.18 -16.42 4.22
N ASP B 288 6.13 -16.01 3.52
CA ASP B 288 4.95 -16.87 3.33
C ASP B 288 4.81 -17.22 1.86
N ALA B 289 3.59 -17.11 1.33
CA ALA B 289 3.34 -17.46 -0.07
C ALA B 289 3.62 -16.31 -1.04
N GLY B 290 4.86 -15.82 -1.00
CA GLY B 290 5.29 -14.75 -1.86
C GLY B 290 6.64 -14.25 -1.37
N PRO B 291 7.27 -13.34 -2.12
CA PRO B 291 8.64 -12.85 -1.88
C PRO B 291 8.79 -11.81 -0.75
N ASN B 292 7.69 -11.26 -0.22
CA ASN B 292 7.80 -10.30 0.90
C ASN B 292 8.55 -10.92 2.06
N VAL B 293 9.40 -10.13 2.72
CA VAL B 293 10.15 -10.65 3.85
C VAL B 293 9.70 -9.94 5.11
N LYS B 294 9.36 -10.72 6.14
CA LYS B 294 8.89 -10.15 7.40
C LYS B 294 9.97 -10.33 8.45
N VAL B 295 10.33 -9.24 9.12
CA VAL B 295 11.38 -9.29 10.09
C VAL B 295 10.80 -9.04 11.49
N LEU B 296 10.82 -10.07 12.32
CA LEU B 296 10.50 -9.92 13.72
C LEU B 296 11.66 -9.24 14.42
N VAL B 297 11.35 -8.28 15.30
CA VAL B 297 12.41 -7.50 15.95
C VAL B 297 11.83 -6.90 17.22
N GLU B 298 12.65 -6.71 18.24
CA GLU B 298 12.19 -6.05 19.47
C GLU B 298 12.00 -4.55 19.22
N LYS B 299 10.93 -3.98 19.77
CA LYS B 299 10.62 -2.56 19.57
C LYS B 299 11.83 -1.64 19.77
N LYS B 300 12.60 -1.90 20.82
CA LYS B 300 13.77 -1.09 21.14
C LYS B 300 14.74 -0.99 19.97
N ASN B 301 14.76 -2.00 19.11
CA ASN B 301 15.68 -2.06 17.98
C ASN B 301 15.03 -1.83 16.65
N LYS B 302 13.72 -1.58 16.66
CA LYS B 302 12.98 -1.54 15.40
C LYS B 302 13.50 -0.45 14.46
N GLN B 303 13.82 0.71 14.99
CA GLN B 303 14.20 1.83 14.13
C GLN B 303 15.59 1.56 13.56
N ALA B 304 16.51 1.13 14.41
CA ALA B 304 17.85 0.82 13.94
C ALA B 304 17.84 -0.25 12.85
N VAL B 305 16.98 -1.26 12.99
CA VAL B 305 16.90 -2.29 11.98
C VAL B 305 16.32 -1.76 10.66
N MET B 306 15.30 -0.91 10.78
CA MET B 306 14.68 -0.30 9.61
C MET B 306 15.68 0.58 8.84
N GLU B 307 16.51 1.35 9.55
CA GLU B 307 17.50 2.21 8.91
C GLU B 307 18.45 1.40 8.03
N GLN B 308 18.79 0.20 8.48
CA GLN B 308 19.66 -0.68 7.70
C GLN B 308 19.02 -1.12 6.39
N PHE B 309 17.72 -1.42 6.44
CA PHE B 309 16.96 -1.71 5.24
C PHE B 309 16.86 -0.48 4.32
N LEU B 310 16.73 0.69 4.92
CA LEU B 310 16.62 1.93 4.15
C LEU B 310 17.87 2.20 3.32
N LYS B 311 19.01 1.69 3.76
CA LYS B 311 20.22 1.79 2.95
C LYS B 311 20.04 1.15 1.58
N VAL B 312 19.20 0.12 1.48
CA VAL B 312 19.09 -0.72 0.27
C VAL B 312 17.72 -0.71 -0.41
N PHE B 313 16.67 -0.50 0.38
CA PHE B 313 15.29 -0.49 -0.13
C PHE B 313 14.69 0.90 -0.06
N ASP B 314 13.73 1.18 -0.95
CA ASP B 314 12.93 2.39 -0.87
C ASP B 314 12.20 2.44 0.46
N GLU B 315 12.04 3.65 0.99
CA GLU B 315 11.32 3.85 2.24
C GLU B 315 9.86 3.38 2.17
N SER B 316 9.23 3.61 1.02
CA SER B 316 7.85 3.20 0.79
C SER B 316 7.68 1.68 0.92
N LYS B 317 8.78 0.93 0.84
CA LYS B 317 8.72 -0.53 0.82
C LYS B 317 9.04 -1.14 2.18
N ILE B 318 9.34 -0.29 3.17
CA ILE B 318 9.67 -0.75 4.52
C ILE B 318 8.56 -0.33 5.49
N ILE B 319 7.75 -1.29 5.90
CA ILE B 319 6.52 -1.00 6.61
C ILE B 319 6.47 -1.75 7.94
N ALA B 320 6.53 -1.02 9.04
CA ALA B 320 6.60 -1.62 10.36
C ALA B 320 5.21 -1.74 10.99
N SER B 321 5.03 -2.76 11.82
CA SER B 321 3.79 -2.98 12.52
C SER B 321 4.05 -3.53 13.90
N ASP B 322 3.25 -3.11 14.86
CA ASP B 322 3.29 -3.69 16.18
C ASP B 322 2.53 -5.02 16.18
N ILE B 323 2.72 -5.77 17.25
CA ILE B 323 1.93 -6.94 17.53
C ILE B 323 0.81 -6.51 18.47
N ILE B 324 -0.43 -6.72 18.05
CA ILE B 324 -1.58 -6.29 18.84
C ILE B 324 -1.89 -7.33 19.91
N SER B 325 -2.24 -6.89 21.11
CA SER B 325 -2.54 -7.80 22.22
C SER B 325 -3.98 -8.34 22.21
N SER B 326 -4.93 -7.51 21.76
CA SER B 326 -6.34 -7.93 21.73
C SER B 326 -6.66 -8.76 20.46
N GLY B 327 -7.77 -9.50 20.52
CA GLY B 327 -8.16 -10.32 19.39
C GLY B 327 -9.28 -9.72 18.56
N VAL B 328 -10.07 -10.57 17.93
CA VAL B 328 -11.11 -10.11 17.01
C VAL B 328 -12.17 -9.30 17.77
N GLU B 329 -12.70 -8.25 17.15
CA GLU B 329 -13.60 -7.39 17.91
C GLU B 329 -14.81 -6.88 17.16
N ILE B 330 -15.90 -6.69 17.89
CA ILE B 330 -17.15 -6.21 17.30
C ILE B 330 -17.11 -4.70 17.18
N ILE B 331 -17.58 -4.18 16.07
CA ILE B 331 -17.55 -2.74 15.87
C ILE B 331 -18.88 -2.19 15.38
C3A DP6 C . 8.35 12.66 -13.10
O1A DP6 C . 7.84 16.82 -7.85
O2A DP6 C . 8.94 14.86 -6.81
O3A DP6 C . 6.68 13.15 -11.57
O1B DP6 C . 10.54 19.09 -6.95
O2B DP6 C . 12.36 17.53 -6.49
O3B DP6 C . 10.19 17.28 -5.31
PB DP6 C . 10.86 17.65 -6.60
O6 DP6 C . 10.41 16.71 -7.76
PA DP6 C . 9.05 15.91 -7.88
O5 DP6 C . 9.21 15.23 -9.28
C5 DP6 C . 8.18 14.99 -10.18
C4 DP6 C . 8.62 14.48 -11.51
C3 DP6 C . 7.64 13.74 -12.35
C2 DP6 C . 7.01 14.70 -13.32
C1 DP6 C . 6.03 15.73 -12.85
O1 DP6 C . 5.95 16.82 -13.49
O2 DP6 C . 5.27 15.52 -11.86
C3A DP6 D . 2.43 -19.54 4.21
O1A DP6 D . -3.85 -19.07 3.14
O2A DP6 D . -4.51 -20.03 5.33
O3A DP6 D . 0.78 -18.13 5.06
O1B DP6 D . -6.76 -20.84 3.13
O2B DP6 D . -6.14 -22.70 4.64
O3B DP6 D . -6.09 -23.00 2.18
PB DP6 D . -5.84 -22.04 3.31
O6 DP6 D . -4.35 -21.56 3.27
PA DP6 D . -3.79 -20.29 4.02
O5 DP6 D . -2.29 -20.62 4.39
C5 DP6 D . -1.25 -19.74 4.25
C4 DP6 D . 0.12 -20.30 4.42
C3 DP6 D . 1.20 -19.44 5.03
C2 DP6 D . 1.51 -19.94 6.41
C1 DP6 D . 0.58 -19.65 7.54
O1 DP6 D . -0.16 -18.62 7.47
O2 DP6 D . 0.52 -20.39 8.57
C FMT E . -2.58 2.39 0.62
O1 FMT E . -1.44 2.01 0.34
O2 FMT E . -3.40 2.81 -0.19
#